data_8JUA
#
_entry.id   8JUA
#
_cell.length_a   92.6201
_cell.length_b   81.9395
_cell.length_c   144.165
_cell.angle_alpha   90.0
_cell.angle_beta   94.3858
_cell.angle_gamma   90.0
#
_symmetry.space_group_name_H-M   'I 1 2 1'
#
loop_
_entity.id
_entity.type
_entity.pdbx_description
1 polymer 'Cytochrome P450'
2 non-polymer 'PROTOPORPHYRIN IX CONTAINING FE'
3 non-polymer '(1Z,3E,5S,7R,8R,10R,11R,12S,13R,15S,16R,17S,19Z,26S)-11-ethyl-2-hydroxy-10-methyl-22,27-diaza-14 oxahexacyclo[24.2.1.05,17.07,16.013,15.08,12]nonacosa-1(2),3,19-triene-21,28,29-trione'
4 non-polymer 'FORMIC ACID'
5 water water
#
_entity_poly.entity_id   1
_entity_poly.type   'polypeptide(L)'
_entity_poly.pdbx_seq_one_letter_code
;MGSSHHHHHHSSGLVPRGSHMPGQQEQQAPSEHPEQQELLTFPFASTGLEFPPVYHELYQQRLTKVRLPYGDDAYLAIRY
ADVKTVLSDSRFSIVASLGQDQPRTRAGARVGNGLFSLDPPQHSRLRSVLGRDFTPRRVEKLRERVRELTDQCLDRMEAA
GSPADLVAHLAVPMPTAVVCEMMGVPEPDHHLFWGWAETILSNDTTPDDLIRRYQEFTAYMGAMVEERRARPTDDMFGML
VRACDEEGRITEIEMHALASDLLSAGFVSTAHQIANFTAMLLARPERLQPLVDKPEQIPAAVEELMRHVPILSGFSFPRY
ATEDLEMSGVTVRRGEAVIPVIAAANRDPDVYPDAGRLDLERNGLPHLGFGQGPHFCIGAHLARVELQVVLEALTERFPD
LRFGIPENALKWKRGHFMNGLHELPVAW
;
_entity_poly.pdbx_strand_id   A,B
#
loop_
_chem_comp.id
_chem_comp.type
_chem_comp.name
_chem_comp.formula
F7Z non-polymer '(1Z,3E,5S,7R,8R,10R,11R,12S,13R,15S,16R,17S,19Z,26S)-11-ethyl-2-hydroxy-10-methyl-22,27-diaza-14 oxahexacyclo[24.2.1.05,17.07,16.013,15.08,12]nonacosa-1(2),3,19-triene-21,28,29-trione' 'C29 H38 N2 O5'
FMT non-polymer 'FORMIC ACID' 'C H2 O2'
HEM non-polymer 'PROTOPORPHYRIN IX CONTAINING FE' 'C34 H32 Fe N4 O4'
#
# COMPACT_ATOMS: atom_id res chain seq x y z
N LEU A 39 -11.98 1.88 -31.98
CA LEU A 39 -11.51 1.55 -30.63
C LEU A 39 -12.67 1.16 -29.71
N LEU A 40 -12.36 0.23 -28.80
CA LEU A 40 -13.25 -0.08 -27.68
C LEU A 40 -13.67 1.18 -26.96
N THR A 41 -14.98 1.41 -26.80
CA THR A 41 -15.45 2.57 -26.06
C THR A 41 -15.48 2.26 -24.56
N PHE A 42 -15.11 3.26 -23.77
CA PHE A 42 -15.02 3.14 -22.33
C PHE A 42 -15.60 4.45 -21.85
N PRO A 43 -16.36 4.44 -20.75
CA PRO A 43 -16.66 3.34 -19.81
C PRO A 43 -17.48 2.23 -20.39
N PHE A 44 -17.45 1.07 -19.72
CA PHE A 44 -18.19 -0.11 -20.16
C PHE A 44 -19.62 -0.09 -19.62
N ALA A 45 -20.52 -0.77 -20.32
CA ALA A 45 -21.89 -0.91 -19.86
C ALA A 45 -21.95 -1.69 -18.53
N SER A 46 -22.60 -1.10 -17.54
CA SER A 46 -22.89 -1.83 -16.30
C SER A 46 -24.05 -1.15 -15.62
N THR A 47 -24.63 -1.86 -14.67
CA THR A 47 -25.73 -1.30 -13.93
C THR A 47 -25.55 -1.53 -12.43
N GLY A 48 -25.85 -0.51 -11.65
CA GLY A 48 -25.70 -0.59 -10.21
C GLY A 48 -24.24 -0.86 -9.87
N LEU A 49 -23.97 -1.86 -9.01
CA LEU A 49 -22.60 -2.18 -8.58
C LEU A 49 -22.09 -3.42 -9.28
N GLU A 50 -22.74 -3.77 -10.37
CA GLU A 50 -22.32 -4.86 -11.24
C GLU A 50 -20.89 -4.61 -11.71
N PHE A 51 -20.09 -5.66 -11.68
CA PHE A 51 -18.77 -5.65 -12.29
C PHE A 51 -18.91 -6.16 -13.72
N PRO A 52 -18.53 -5.36 -14.72
CA PRO A 52 -18.89 -5.82 -16.07
C PRO A 52 -17.98 -6.95 -16.55
N PRO A 53 -18.54 -7.99 -17.23
CA PRO A 53 -17.84 -9.22 -17.59
C PRO A 53 -16.72 -9.03 -18.57
N VAL A 54 -16.79 -7.95 -19.34
CA VAL A 54 -15.73 -7.62 -20.28
C VAL A 54 -14.31 -7.56 -19.59
N TYR A 55 -14.21 -7.18 -18.31
CA TYR A 55 -12.89 -7.19 -17.66
C TYR A 55 -12.26 -8.59 -17.61
N HIS A 56 -13.11 -9.62 -17.55
CA HIS A 56 -12.59 -10.98 -17.50
C HIS A 56 -11.87 -11.34 -18.81
N GLU A 57 -12.28 -10.73 -19.91
CA GLU A 57 -11.59 -10.81 -21.20
C GLU A 57 -10.25 -10.10 -21.16
N LEU A 58 -10.32 -8.81 -20.81
CA LEU A 58 -9.19 -7.91 -20.94
C LEU A 58 -8.00 -8.31 -20.08
N TYR A 59 -8.25 -8.87 -18.89
CA TYR A 59 -7.15 -9.24 -18.00
C TYR A 59 -6.14 -10.19 -18.65
N GLN A 60 -6.64 -11.07 -19.52
CA GLN A 60 -5.78 -12.03 -20.23
C GLN A 60 -4.99 -11.38 -21.37
N GLN A 61 -5.40 -10.17 -21.76
CA GLN A 61 -4.91 -9.55 -22.97
C GLN A 61 -3.94 -8.41 -22.73
N ARG A 62 -3.38 -7.91 -23.81
CA ARG A 62 -2.35 -6.89 -23.72
C ARG A 62 -3.05 -5.57 -23.45
N LEU A 63 -2.31 -4.57 -23.00
CA LEU A 63 -2.88 -3.26 -22.69
C LEU A 63 -3.70 -2.79 -23.86
N THR A 64 -4.95 -2.41 -23.63
CA THR A 64 -5.82 -2.05 -24.74
C THR A 64 -6.21 -0.58 -24.70
N LYS A 65 -6.33 -0.03 -25.90
CA LYS A 65 -6.61 1.37 -26.06
C LYS A 65 -8.10 1.58 -26.23
N VAL A 66 -8.61 2.61 -25.56
CA VAL A 66 -10.03 2.92 -25.61
C VAL A 66 -10.25 4.33 -26.07
N ARG A 67 -11.47 4.60 -26.49
CA ARG A 67 -11.89 5.97 -26.77
C ARG A 67 -12.93 6.38 -25.75
N LEU A 68 -12.86 7.66 -25.36
CA LEU A 68 -13.62 8.18 -24.23
C LEU A 68 -14.68 9.14 -24.71
N PRO A 69 -15.65 9.46 -23.84
CA PRO A 69 -16.70 10.42 -24.21
C PRO A 69 -16.16 11.78 -24.64
N TYR A 70 -15.16 12.28 -23.92
CA TYR A 70 -14.49 13.52 -24.27
C TYR A 70 -12.95 13.38 -24.22
N GLY A 71 -12.26 14.19 -25.01
CA GLY A 71 -10.82 14.26 -24.99
C GLY A 71 -10.16 13.13 -25.76
N ASP A 72 -8.85 13.00 -25.59
CA ASP A 72 -8.09 12.03 -26.35
C ASP A 72 -8.32 10.59 -25.92
N ASP A 73 -7.90 9.68 -26.78
CA ASP A 73 -7.93 8.27 -26.50
C ASP A 73 -6.88 8.01 -25.39
N ALA A 74 -6.89 6.80 -24.84
CA ALA A 74 -6.05 6.45 -23.69
C ALA A 74 -5.96 4.94 -23.50
N TYR A 75 -4.91 4.47 -22.85
CA TYR A 75 -4.83 3.05 -22.57
C TYR A 75 -5.60 2.82 -21.28
N LEU A 76 -6.05 1.59 -21.13
CA LEU A 76 -6.77 1.15 -19.98
C LEU A 76 -5.91 0.25 -19.11
N ALA A 77 -5.35 0.83 -18.02
CA ALA A 77 -4.63 0.08 -16.97
C ALA A 77 -5.61 -0.72 -16.15
N ILE A 78 -5.49 -2.05 -16.18
CA ILE A 78 -6.48 -2.86 -15.44
C ILE A 78 -5.89 -3.93 -14.53
N ARG A 79 -4.65 -4.31 -14.77
CA ARG A 79 -4.00 -5.27 -13.88
C ARG A 79 -3.54 -4.51 -12.61
N TYR A 80 -3.60 -5.16 -11.46
CA TYR A 80 -3.20 -4.60 -10.18
C TYR A 80 -1.91 -3.79 -10.24
N ALA A 81 -0.88 -4.43 -10.78
CA ALA A 81 0.44 -3.92 -10.78
C ALA A 81 0.53 -2.73 -11.73
N ASP A 82 -0.27 -2.76 -12.82
CA ASP A 82 -0.29 -1.66 -13.77
C ASP A 82 -0.98 -0.40 -13.21
N VAL A 83 -2.11 -0.57 -12.55
CA VAL A 83 -2.85 0.55 -11.94
C VAL A 83 -1.96 1.15 -10.87
N LYS A 84 -1.26 0.30 -10.15
CA LYS A 84 -0.25 0.78 -9.20
C LYS A 84 0.82 1.65 -9.88
N THR A 85 1.37 1.15 -10.99
CA THR A 85 2.41 1.89 -11.65
C THR A 85 1.87 3.27 -12.07
N VAL A 86 0.69 3.28 -12.66
CA VAL A 86 0.12 4.51 -13.19
C VAL A 86 -0.03 5.54 -12.09
N LEU A 87 -0.44 5.07 -10.91
CA LEU A 87 -0.72 5.96 -9.83
C LEU A 87 0.53 6.40 -9.02
N SER A 88 1.58 5.61 -9.07
N SER A 88 1.61 5.65 -9.07
CA SER A 88 2.70 5.77 -8.13
CA SER A 88 2.69 5.92 -8.12
C SER A 88 4.02 6.14 -8.83
C SER A 88 4.09 6.04 -8.79
N ASP A 89 4.21 5.63 -10.04
CA ASP A 89 5.48 5.83 -10.77
C ASP A 89 5.66 7.27 -11.26
N SER A 90 6.84 7.84 -11.05
CA SER A 90 7.09 9.25 -11.43
C SER A 90 7.06 9.45 -12.93
N ARG A 91 7.19 8.37 -13.71
CA ARG A 91 7.07 8.45 -15.19
C ARG A 91 5.63 8.64 -15.66
N PHE A 92 4.73 8.76 -14.71
CA PHE A 92 3.33 9.01 -15.05
C PHE A 92 2.91 10.32 -14.36
N SER A 93 2.63 11.33 -15.16
CA SER A 93 2.30 12.66 -14.67
C SER A 93 0.78 12.86 -14.75
N ILE A 94 0.22 13.59 -13.79
CA ILE A 94 -1.23 13.85 -13.77
C ILE A 94 -1.51 15.13 -14.58
N VAL A 95 -0.43 15.78 -15.03
CA VAL A 95 -0.53 17.03 -15.82
C VAL A 95 -0.33 16.84 -17.31
N ALA A 96 -1.26 17.36 -18.11
CA ALA A 96 -1.16 17.30 -19.57
C ALA A 96 -0.22 18.44 -20.03
N SER A 97 1.09 18.20 -20.03
CA SER A 97 2.05 19.27 -20.32
C SER A 97 2.48 19.31 -21.79
N LEU A 98 1.88 18.44 -22.59
CA LEU A 98 2.19 18.29 -24.03
C LEU A 98 0.95 18.47 -24.90
N GLY A 99 0.05 19.37 -24.57
CA GLY A 99 -1.10 19.66 -25.42
C GLY A 99 -2.24 18.65 -25.43
N GLN A 100 -2.18 17.64 -24.57
CA GLN A 100 -3.21 16.60 -24.57
C GLN A 100 -4.57 17.17 -24.22
N ASP A 101 -5.63 16.52 -24.69
CA ASP A 101 -7.00 16.86 -24.35
C ASP A 101 -7.49 15.78 -23.40
N GLN A 102 -7.68 16.17 -22.13
CA GLN A 102 -7.86 15.23 -21.03
C GLN A 102 -8.96 14.19 -21.28
N PRO A 103 -8.58 12.91 -21.41
CA PRO A 103 -9.59 11.85 -21.51
C PRO A 103 -10.51 11.89 -20.30
N ARG A 104 -11.82 11.90 -20.54
CA ARG A 104 -12.76 12.16 -19.50
C ARG A 104 -14.16 11.78 -19.91
N THR A 105 -15.06 11.82 -18.94
CA THR A 105 -16.48 11.60 -19.16
C THR A 105 -17.25 12.89 -18.95
N ARG A 106 -16.63 13.85 -18.29
CA ARG A 106 -17.23 15.18 -18.10
C ARG A 106 -16.92 16.10 -19.29
N ALA A 107 -17.91 16.91 -19.65
CA ALA A 107 -17.81 17.75 -20.84
C ALA A 107 -16.71 18.77 -20.65
N GLY A 108 -16.73 19.47 -19.53
CA GLY A 108 -15.69 20.45 -19.22
C GLY A 108 -14.49 19.80 -18.52
N ALA A 109 -13.31 20.04 -19.05
CA ALA A 109 -12.11 19.38 -18.54
C ALA A 109 -11.81 19.79 -17.11
N ARG A 110 -11.24 18.85 -16.39
CA ARG A 110 -11.00 18.99 -14.97
C ARG A 110 -9.73 19.72 -14.77
N VAL A 111 -9.84 21.02 -14.52
CA VAL A 111 -8.65 21.84 -14.33
C VAL A 111 -8.84 22.87 -13.20
N GLY A 112 -7.77 23.12 -12.46
CA GLY A 112 -7.80 24.02 -11.32
C GLY A 112 -6.40 24.22 -10.74
N ASN A 113 -6.33 24.65 -9.47
CA ASN A 113 -5.07 24.99 -8.82
C ASN A 113 -4.82 24.23 -7.53
N GLY A 114 -5.53 23.11 -7.38
CA GLY A 114 -5.45 22.28 -6.18
C GLY A 114 -4.66 21.00 -6.41
N LEU A 115 -4.93 19.96 -5.60
CA LEU A 115 -4.00 18.83 -5.52
C LEU A 115 -3.99 17.93 -6.75
N PHE A 116 -5.14 17.83 -7.42
CA PHE A 116 -5.26 16.97 -8.62
C PHE A 116 -4.64 17.65 -9.85
N SER A 117 -4.18 18.89 -9.74
CA SER A 117 -3.55 19.59 -10.88
C SER A 117 -2.00 19.63 -10.77
N LEU A 118 -1.43 18.91 -9.81
CA LEU A 118 0.01 18.97 -9.50
C LEU A 118 0.70 17.61 -9.41
N ASP A 119 1.94 17.58 -9.91
CA ASP A 119 2.86 16.49 -9.69
C ASP A 119 3.80 16.87 -8.55
N PRO A 120 4.40 15.89 -7.89
CA PRO A 120 5.47 16.20 -6.95
C PRO A 120 6.60 16.89 -7.67
N PRO A 121 7.34 17.79 -7.00
CA PRO A 121 7.26 18.11 -5.56
C PRO A 121 6.28 19.21 -5.25
N GLN A 122 5.83 19.91 -6.28
CA GLN A 122 4.84 20.97 -6.07
C GLN A 122 3.63 20.35 -5.41
N HIS A 123 3.21 19.15 -5.84
CA HIS A 123 2.03 18.56 -5.21
C HIS A 123 2.33 18.33 -3.71
N SER A 124 3.50 17.78 -3.46
CA SER A 124 3.92 17.43 -2.12
C SER A 124 3.94 18.64 -1.19
N ARG A 125 4.36 19.79 -1.71
CA ARG A 125 4.45 21.00 -0.88
C ARG A 125 3.06 21.53 -0.54
N LEU A 126 2.15 21.51 -1.49
CA LEU A 126 0.82 21.99 -1.23
C LEU A 126 0.09 21.06 -0.26
N ARG A 127 0.18 19.77 -0.52
CA ARG A 127 -0.48 18.79 0.31
C ARG A 127 -0.01 18.84 1.78
N SER A 128 1.27 19.08 1.96
CA SER A 128 1.83 19.09 3.30
C SER A 128 1.17 20.16 4.18
N VAL A 129 0.53 21.18 3.58
CA VAL A 129 -0.20 22.13 4.40
C VAL A 129 -1.35 21.46 5.13
N LEU A 130 -1.93 20.40 4.55
CA LEU A 130 -3.05 19.67 5.17
C LEU A 130 -2.64 18.38 5.87
N GLY A 131 -1.45 17.89 5.52
CA GLY A 131 -1.05 16.55 5.87
C GLY A 131 -1.32 16.17 7.32
N ARG A 132 -0.75 16.98 8.20
CA ARG A 132 -0.77 16.75 9.64
C ARG A 132 -2.16 16.47 10.18
N ASP A 133 -3.17 17.11 9.60
CA ASP A 133 -4.53 16.97 10.11
C ASP A 133 -5.25 15.67 9.69
N PHE A 134 -4.67 14.90 8.75
CA PHE A 134 -5.29 13.66 8.26
C PHE A 134 -4.52 12.35 8.60
N THR A 135 -3.48 12.43 9.40
CA THR A 135 -2.77 11.24 9.89
C THR A 135 -3.68 10.36 10.74
N PRO A 136 -3.35 9.07 10.84
CA PRO A 136 -4.24 8.25 11.69
C PRO A 136 -4.26 8.79 13.13
N ARG A 137 -3.15 9.35 13.60
CA ARG A 137 -3.07 9.84 14.97
C ARG A 137 -4.07 10.96 15.23
N ARG A 138 -4.29 11.81 14.22
CA ARG A 138 -5.23 12.91 14.28
C ARG A 138 -6.67 12.43 14.09
N VAL A 139 -6.88 11.62 13.05
CA VAL A 139 -8.20 11.13 12.69
C VAL A 139 -8.78 10.15 13.72
N GLU A 140 -7.94 9.40 14.45
CA GLU A 140 -8.46 8.45 15.40
C GLU A 140 -9.20 9.24 16.51
N LYS A 141 -8.81 10.52 16.71
CA LYS A 141 -9.42 11.39 17.72
C LYS A 141 -10.85 11.81 17.38
N LEU A 142 -11.27 11.57 16.13
CA LEU A 142 -12.57 11.98 15.64
C LEU A 142 -13.62 10.86 15.77
N ARG A 143 -13.17 9.68 16.15
CA ARG A 143 -14.05 8.55 16.25
C ARG A 143 -15.27 8.84 17.17
N GLU A 144 -15.04 9.49 18.30
CA GLU A 144 -16.18 9.79 19.18
C GLU A 144 -17.20 10.66 18.50
N ARG A 145 -16.73 11.74 17.89
CA ARG A 145 -17.60 12.71 17.24
C ARG A 145 -18.32 12.09 16.05
N VAL A 146 -17.65 11.21 15.33
CA VAL A 146 -18.28 10.62 14.15
C VAL A 146 -19.44 9.74 14.59
N ARG A 147 -19.24 9.00 15.67
CA ARG A 147 -20.31 8.18 16.28
C ARG A 147 -21.48 9.06 16.83
N GLU A 148 -21.14 10.17 17.47
CA GLU A 148 -22.17 11.10 17.97
C GLU A 148 -23.10 11.51 16.83
N LEU A 149 -22.51 11.93 15.71
CA LEU A 149 -23.28 12.39 14.54
C LEU A 149 -24.04 11.23 13.93
N THR A 150 -23.39 10.08 13.83
CA THR A 150 -24.06 8.88 13.36
C THR A 150 -25.28 8.53 14.25
N ASP A 151 -25.16 8.67 15.57
CA ASP A 151 -26.30 8.38 16.45
C ASP A 151 -27.44 9.39 16.23
N GLN A 152 -27.11 10.66 16.03
CA GLN A 152 -28.15 11.66 15.82
C GLN A 152 -28.90 11.34 14.54
N CYS A 153 -28.14 10.93 13.52
CA CYS A 153 -28.75 10.54 12.25
C CYS A 153 -29.70 9.36 12.45
N LEU A 154 -29.26 8.38 13.21
CA LEU A 154 -30.05 7.20 13.37
C LEU A 154 -31.25 7.47 14.26
N ASP A 155 -31.16 8.46 15.14
CA ASP A 155 -32.34 8.83 15.94
C ASP A 155 -33.46 9.35 15.03
N ARG A 156 -33.10 10.22 14.11
CA ARG A 156 -34.05 10.81 13.19
C ARG A 156 -34.65 9.72 12.28
N MET A 157 -33.81 8.80 11.80
CA MET A 157 -34.29 7.72 10.92
C MET A 157 -35.35 6.90 11.63
N GLU A 158 -35.02 6.53 12.84
CA GLU A 158 -35.89 5.66 13.62
C GLU A 158 -37.19 6.40 13.92
N ALA A 159 -37.06 7.69 14.21
CA ALA A 159 -38.21 8.55 14.48
C ALA A 159 -39.09 8.71 13.24
N ALA A 160 -38.48 8.67 12.05
CA ALA A 160 -39.24 8.72 10.79
C ALA A 160 -40.10 7.47 10.63
N GLY A 161 -39.57 6.31 11.01
CA GLY A 161 -40.37 5.10 11.03
C GLY A 161 -40.08 4.16 9.89
N SER A 162 -40.18 2.87 10.18
CA SER A 162 -39.89 1.83 9.23
C SER A 162 -41.02 1.66 8.23
N PRO A 163 -40.71 1.57 6.91
CA PRO A 163 -39.39 1.70 6.31
C PRO A 163 -38.92 3.14 6.16
N ALA A 164 -37.62 3.37 6.32
CA ALA A 164 -37.06 4.72 6.14
C ALA A 164 -35.86 4.74 5.18
N ASP A 165 -35.59 5.89 4.56
CA ASP A 165 -34.50 6.02 3.58
C ASP A 165 -33.18 6.33 4.25
N LEU A 166 -32.28 5.35 4.23
CA LEU A 166 -31.01 5.48 4.92
C LEU A 166 -30.08 6.46 4.19
N VAL A 167 -30.32 6.66 2.90
CA VAL A 167 -29.55 7.66 2.15
C VAL A 167 -29.81 9.05 2.68
N ALA A 168 -31.07 9.43 2.75
CA ALA A 168 -31.42 10.75 3.24
C ALA A 168 -31.12 10.93 4.75
N HIS A 169 -31.32 9.90 5.57
CA HIS A 169 -31.19 10.08 7.02
C HIS A 169 -29.79 9.91 7.59
N LEU A 170 -28.92 9.20 6.88
CA LEU A 170 -27.58 8.89 7.37
C LEU A 170 -26.48 9.10 6.31
N ALA A 171 -26.59 8.48 5.15
CA ALA A 171 -25.49 8.46 4.18
C ALA A 171 -25.11 9.89 3.78
N VAL A 172 -26.11 10.69 3.46
CA VAL A 172 -25.84 12.08 3.09
C VAL A 172 -25.45 12.92 4.33
N PRO A 173 -26.31 13.03 5.34
CA PRO A 173 -25.96 14.00 6.39
C PRO A 173 -24.68 13.77 7.17
N MET A 174 -24.36 12.53 7.54
CA MET A 174 -23.27 12.29 8.50
C MET A 174 -21.86 12.68 8.00
N PRO A 175 -21.44 12.15 6.85
CA PRO A 175 -20.12 12.58 6.34
C PRO A 175 -20.08 14.07 5.93
N THR A 176 -21.21 14.63 5.55
CA THR A 176 -21.25 16.05 5.21
C THR A 176 -20.95 16.88 6.44
N ALA A 177 -21.66 16.57 7.51
CA ALA A 177 -21.46 17.23 8.79
C ALA A 177 -20.03 17.05 9.33
N VAL A 178 -19.44 15.86 9.17
CA VAL A 178 -18.08 15.61 9.69
C VAL A 178 -17.06 16.61 9.10
N VAL A 179 -16.98 16.69 7.76
CA VAL A 179 -15.98 17.59 7.14
C VAL A 179 -16.34 19.05 7.24
N CYS A 180 -17.63 19.37 7.15
CA CYS A 180 -18.02 20.76 7.21
C CYS A 180 -17.72 21.31 8.59
N GLU A 181 -17.92 20.53 9.65
CA GLU A 181 -17.61 21.05 10.96
C GLU A 181 -16.10 20.98 11.21
N MET A 182 -15.42 20.08 10.53
CA MET A 182 -13.97 20.08 10.58
C MET A 182 -13.44 21.39 9.98
N MET A 183 -14.05 21.86 8.90
CA MET A 183 -13.60 23.06 8.19
C MET A 183 -14.15 24.36 8.81
N GLY A 184 -15.27 24.24 9.55
CA GLY A 184 -15.94 25.38 10.14
C GLY A 184 -17.10 25.94 9.34
N VAL A 185 -17.72 25.09 8.54
CA VAL A 185 -18.87 25.48 7.75
C VAL A 185 -20.13 25.12 8.53
N PRO A 186 -21.05 26.10 8.73
CA PRO A 186 -22.27 25.82 9.48
C PRO A 186 -23.28 24.92 8.76
N GLU A 187 -24.02 24.21 9.60
CA GLU A 187 -24.97 23.20 9.18
C GLU A 187 -25.94 23.65 8.10
N PRO A 188 -26.55 24.83 8.30
CA PRO A 188 -27.54 25.31 7.34
C PRO A 188 -26.98 25.49 5.95
N ASP A 189 -25.66 25.66 5.85
CA ASP A 189 -25.04 25.85 4.54
C ASP A 189 -24.62 24.56 3.86
N HIS A 190 -24.93 23.42 4.47
CA HIS A 190 -24.44 22.15 3.94
C HIS A 190 -24.99 21.88 2.56
N HIS A 191 -26.26 22.20 2.36
CA HIS A 191 -26.91 22.01 1.08
C HIS A 191 -26.12 22.69 -0.07
N LEU A 192 -25.46 23.81 0.24
CA LEU A 192 -24.71 24.55 -0.80
C LEU A 192 -23.50 23.78 -1.26
N PHE A 193 -22.82 23.18 -0.32
CA PHE A 193 -21.66 22.39 -0.64
C PHE A 193 -22.03 21.10 -1.34
N TRP A 194 -23.22 20.56 -1.07
CA TRP A 194 -23.69 19.40 -1.83
C TRP A 194 -23.89 19.75 -3.26
N GLY A 195 -24.37 20.96 -3.51
CA GLY A 195 -24.71 21.35 -4.86
C GLY A 195 -23.46 21.61 -5.67
N TRP A 196 -22.50 22.23 -5.02
CA TRP A 196 -21.26 22.50 -5.70
C TRP A 196 -20.52 21.17 -5.99
N ALA A 197 -20.63 20.21 -5.08
CA ALA A 197 -19.91 18.94 -5.25
C ALA A 197 -20.53 18.14 -6.36
N GLU A 198 -21.87 18.12 -6.42
CA GLU A 198 -22.53 17.39 -7.51
C GLU A 198 -22.24 17.99 -8.91
N THR A 199 -22.05 19.29 -8.99
CA THR A 199 -21.71 19.92 -10.26
C THR A 199 -20.37 19.34 -10.74
N ILE A 200 -19.40 19.27 -9.83
CA ILE A 200 -18.10 18.71 -10.15
C ILE A 200 -18.23 17.29 -10.65
N LEU A 201 -19.07 16.50 -10.00
CA LEU A 201 -19.16 15.08 -10.29
C LEU A 201 -20.15 14.74 -11.42
N SER A 202 -21.02 15.66 -11.83
CA SER A 202 -21.96 15.34 -12.91
C SER A 202 -21.32 15.33 -14.32
N ASN A 203 -21.48 14.24 -15.04
CA ASN A 203 -20.94 14.13 -16.38
C ASN A 203 -21.52 15.15 -17.36
N ASP A 204 -22.72 15.65 -17.06
CA ASP A 204 -23.38 16.70 -17.86
C ASP A 204 -23.10 18.10 -17.32
N THR A 205 -21.83 18.39 -17.05
CA THR A 205 -21.41 19.72 -16.57
C THR A 205 -20.46 20.40 -17.59
N THR A 206 -20.81 21.62 -18.01
CA THR A 206 -19.98 22.37 -18.96
C THR A 206 -18.93 23.26 -18.28
N PRO A 207 -17.94 23.74 -19.05
CA PRO A 207 -16.98 24.70 -18.48
C PRO A 207 -17.68 25.92 -17.89
N ASP A 208 -18.85 26.27 -18.44
CA ASP A 208 -19.68 27.35 -17.92
C ASP A 208 -20.28 27.01 -16.56
N ASP A 209 -20.81 25.79 -16.41
CA ASP A 209 -21.36 25.37 -15.12
C ASP A 209 -20.27 25.47 -14.08
N LEU A 210 -19.04 25.16 -14.50
CA LEU A 210 -17.86 25.16 -13.62
C LEU A 210 -17.45 26.56 -13.27
N ILE A 211 -17.77 27.48 -14.17
CA ILE A 211 -17.50 28.89 -13.94
C ILE A 211 -18.42 29.39 -12.83
N ARG A 212 -19.71 29.06 -12.96
CA ARG A 212 -20.68 29.44 -11.97
C ARG A 212 -20.26 28.88 -10.63
N ARG A 213 -20.04 27.56 -10.57
CA ARG A 213 -19.58 26.96 -9.31
C ARG A 213 -18.41 27.73 -8.74
N TYR A 214 -17.34 27.85 -9.51
CA TYR A 214 -16.16 28.53 -9.00
C TYR A 214 -16.47 29.95 -8.47
N GLN A 215 -17.32 30.69 -9.18
CA GLN A 215 -17.67 32.05 -8.76
C GLN A 215 -18.43 31.99 -7.44
N GLU A 216 -19.47 31.17 -7.39
CA GLU A 216 -20.25 31.02 -6.17
C GLU A 216 -19.37 30.60 -4.99
N PHE A 217 -18.60 29.54 -5.19
CA PHE A 217 -17.75 28.99 -4.15
C PHE A 217 -16.70 29.98 -3.65
N THR A 218 -16.01 30.63 -4.58
CA THR A 218 -14.97 31.62 -4.24
C THR A 218 -15.57 32.76 -3.43
N ALA A 219 -16.79 33.17 -3.81
CA ALA A 219 -17.49 34.22 -3.08
C ALA A 219 -17.68 33.78 -1.64
N TYR A 220 -18.27 32.60 -1.47
CA TYR A 220 -18.57 32.06 -0.14
C TYR A 220 -17.33 31.89 0.75
N MET A 221 -16.25 31.33 0.21
CA MET A 221 -15.06 31.14 1.05
C MET A 221 -14.35 32.47 1.23
N GLY A 222 -14.49 33.37 0.27
CA GLY A 222 -13.92 34.69 0.45
C GLY A 222 -14.50 35.30 1.72
N ALA A 223 -15.83 35.28 1.81
CA ALA A 223 -16.51 35.74 3.02
C ALA A 223 -15.98 35.05 4.25
N MET A 224 -15.75 33.72 4.17
CA MET A 224 -15.24 32.99 5.33
C MET A 224 -13.83 33.46 5.70
N VAL A 225 -13.05 33.76 4.67
CA VAL A 225 -11.71 34.30 4.85
C VAL A 225 -11.76 35.67 5.55
N GLU A 226 -12.64 36.55 5.10
CA GLU A 226 -12.75 37.86 5.75
C GLU A 226 -13.01 37.64 7.23
N GLU A 227 -13.99 36.79 7.47
CA GLU A 227 -14.45 36.53 8.81
C GLU A 227 -13.33 35.97 9.68
N ARG A 228 -12.46 35.16 9.11
CA ARG A 228 -11.41 34.53 9.90
C ARG A 228 -10.27 35.54 10.10
N ARG A 229 -10.13 36.46 9.16
CA ARG A 229 -9.16 37.53 9.28
C ARG A 229 -9.59 38.54 10.35
N ALA A 230 -10.87 38.88 10.38
CA ALA A 230 -11.41 39.74 11.42
C ALA A 230 -11.36 39.06 12.78
N ARG A 231 -11.59 37.75 12.82
CA ARG A 231 -11.48 37.02 14.09
C ARG A 231 -11.09 35.54 13.91
N PRO A 232 -9.88 35.17 14.37
CA PRO A 232 -9.44 33.78 14.46
C PRO A 232 -10.48 32.77 14.95
N THR A 233 -10.42 31.58 14.34
CA THR A 233 -11.17 30.41 14.79
C THR A 233 -10.26 29.21 14.67
N ASP A 234 -10.40 28.23 15.56
CA ASP A 234 -9.53 27.06 15.59
C ASP A 234 -10.08 25.93 14.73
N ASP A 235 -10.40 26.21 13.47
CA ASP A 235 -10.90 25.17 12.58
C ASP A 235 -10.01 25.07 11.34
N MET A 236 -10.32 24.15 10.44
CA MET A 236 -9.34 23.84 9.40
C MET A 236 -9.19 25.02 8.45
N PHE A 237 -10.29 25.69 8.12
CA PHE A 237 -10.20 26.84 7.23
C PHE A 237 -9.39 27.94 7.94
N GLY A 238 -9.53 28.03 9.25
CA GLY A 238 -8.75 28.96 10.04
C GLY A 238 -7.28 28.64 10.01
N MET A 239 -6.96 27.35 9.94
CA MET A 239 -5.58 26.94 9.76
C MET A 239 -5.05 27.38 8.40
N LEU A 240 -5.87 27.26 7.36
CA LEU A 240 -5.43 27.63 6.02
C LEU A 240 -5.18 29.13 5.98
N VAL A 241 -5.97 29.87 6.72
CA VAL A 241 -5.82 31.32 6.75
C VAL A 241 -4.49 31.72 7.43
N ARG A 242 -4.14 31.02 8.50
CA ARG A 242 -2.85 31.24 9.14
C ARG A 242 -1.73 30.86 8.18
N ALA A 243 -1.95 29.86 7.33
CA ALA A 243 -0.89 29.40 6.45
C ALA A 243 -0.61 30.45 5.36
N CYS A 244 -1.65 31.15 4.95
CA CYS A 244 -1.50 32.16 3.92
C CYS A 244 -1.00 33.48 4.51
N ASP A 245 -1.74 34.00 5.47
CA ASP A 245 -1.48 35.33 6.04
C ASP A 245 -0.25 35.40 6.94
N GLU A 246 -0.13 34.46 7.87
CA GLU A 246 0.91 34.54 8.91
C GLU A 246 2.23 33.90 8.53
N GLU A 247 2.17 32.78 7.83
CA GLU A 247 3.39 32.03 7.57
C GLU A 247 3.87 32.23 6.14
N GLY A 248 2.98 32.74 5.28
CA GLY A 248 3.34 32.97 3.89
C GLY A 248 3.70 31.68 3.21
N ARG A 249 3.25 30.55 3.77
CA ARG A 249 3.53 29.24 3.21
C ARG A 249 2.87 29.06 1.85
N ILE A 250 1.66 29.59 1.72
CA ILE A 250 0.83 29.46 0.51
C ILE A 250 0.21 30.79 0.17
N THR A 251 -0.23 30.88 -1.07
CA THR A 251 -0.93 32.06 -1.58
C THR A 251 -2.43 31.90 -1.42
N GLU A 252 -3.16 32.98 -1.63
CA GLU A 252 -4.58 33.01 -1.41
C GLU A 252 -5.34 32.03 -2.30
N ILE A 253 -4.95 31.90 -3.56
CA ILE A 253 -5.67 31.01 -4.44
C ILE A 253 -5.34 29.53 -4.14
N GLU A 254 -4.19 29.25 -3.53
CA GLU A 254 -3.87 27.89 -3.03
C GLU A 254 -4.72 27.53 -1.80
N MET A 255 -4.90 28.50 -0.91
CA MET A 255 -5.75 28.37 0.29
C MET A 255 -7.19 28.00 -0.11
N HIS A 256 -7.70 28.73 -1.09
CA HIS A 256 -9.00 28.46 -1.69
C HIS A 256 -9.05 27.09 -2.33
N ALA A 257 -8.03 26.77 -3.15
CA ALA A 257 -7.94 25.48 -3.83
C ALA A 257 -8.02 24.33 -2.84
N LEU A 258 -7.22 24.41 -1.80
CA LEU A 258 -7.16 23.31 -0.84
C LEU A 258 -8.54 23.14 -0.22
N ALA A 259 -9.17 24.25 0.11
CA ALA A 259 -10.45 24.19 0.82
C ALA A 259 -11.50 23.59 -0.09
N SER A 260 -11.38 23.92 -1.37
CA SER A 260 -12.29 23.47 -2.42
C SER A 260 -12.08 21.97 -2.63
N ASP A 261 -10.83 21.52 -2.56
CA ASP A 261 -10.56 20.11 -2.75
C ASP A 261 -11.26 19.28 -1.69
N LEU A 262 -11.15 19.77 -0.45
CA LEU A 262 -11.66 19.02 0.68
C LEU A 262 -13.20 19.04 0.74
N LEU A 263 -13.81 20.17 0.37
CA LEU A 263 -15.27 20.26 0.42
C LEU A 263 -15.88 19.69 -0.83
N SER A 264 -15.05 19.26 -1.76
CA SER A 264 -15.54 18.65 -2.97
C SER A 264 -15.35 17.14 -2.84
N ALA A 265 -14.16 16.72 -2.41
CA ALA A 265 -13.89 15.30 -2.38
C ALA A 265 -14.36 14.64 -1.09
N GLY A 266 -14.72 15.46 -0.12
CA GLY A 266 -14.66 15.04 1.27
C GLY A 266 -15.90 14.37 1.88
N PHE A 267 -17.03 14.30 1.15
CA PHE A 267 -18.18 13.66 1.71
C PHE A 267 -19.10 12.94 0.72
N VAL A 268 -19.17 13.37 -0.54
CA VAL A 268 -20.07 12.69 -1.48
C VAL A 268 -19.60 11.21 -1.65
N SER A 269 -18.30 10.99 -1.63
CA SER A 269 -17.80 9.61 -1.78
C SER A 269 -18.22 8.73 -0.61
N THR A 270 -18.09 9.25 0.60
CA THR A 270 -18.39 8.46 1.80
C THR A 270 -19.87 8.18 1.83
N ALA A 271 -20.65 9.19 1.45
CA ALA A 271 -22.10 9.09 1.38
C ALA A 271 -22.55 7.96 0.46
N HIS A 272 -21.99 7.93 -0.73
CA HIS A 272 -22.24 6.84 -1.69
C HIS A 272 -21.83 5.46 -1.21
N GLN A 273 -20.67 5.36 -0.54
CA GLN A 273 -20.20 4.09 0.04
C GLN A 273 -21.03 3.60 1.24
N ILE A 274 -21.52 4.50 2.08
CA ILE A 274 -22.31 4.09 3.22
C ILE A 274 -23.52 3.28 2.75
N ALA A 275 -24.13 3.78 1.69
CA ALA A 275 -25.31 3.14 1.13
C ALA A 275 -24.88 1.91 0.32
N ASN A 276 -23.84 2.04 -0.49
CA ASN A 276 -23.33 0.88 -1.22
C ASN A 276 -22.98 -0.27 -0.31
N PHE A 277 -22.29 0.05 0.77
CA PHE A 277 -21.87 -0.97 1.73
C PHE A 277 -23.04 -1.61 2.45
N THR A 278 -23.95 -0.77 2.93
CA THR A 278 -25.14 -1.28 3.57
C THR A 278 -25.93 -2.19 2.60
N ALA A 279 -26.08 -1.76 1.35
CA ALA A 279 -26.81 -2.56 0.39
C ALA A 279 -26.14 -3.90 0.16
N MET A 280 -24.81 -3.89 0.00
CA MET A 280 -24.11 -5.12 -0.21
C MET A 280 -24.43 -6.10 0.91
N LEU A 281 -24.47 -5.60 2.15
CA LEU A 281 -24.66 -6.48 3.30
C LEU A 281 -26.10 -6.95 3.39
N LEU A 282 -27.04 -6.06 3.10
CA LEU A 282 -28.45 -6.40 3.25
C LEU A 282 -28.90 -7.35 2.17
N ALA A 283 -28.16 -7.45 1.07
CA ALA A 283 -28.51 -8.37 -0.03
C ALA A 283 -28.08 -9.80 0.20
N ARG A 284 -27.41 -10.07 1.32
CA ARG A 284 -27.02 -11.45 1.62
C ARG A 284 -27.93 -12.08 2.63
N PRO A 285 -28.07 -13.41 2.58
CA PRO A 285 -29.01 -14.12 3.46
C PRO A 285 -28.87 -13.68 4.90
N GLU A 286 -27.64 -13.75 5.39
CA GLU A 286 -27.32 -13.45 6.79
C GLU A 286 -27.39 -11.95 7.16
N ARG A 287 -27.52 -11.07 6.18
CA ARG A 287 -27.55 -9.62 6.38
C ARG A 287 -26.44 -9.09 7.32
N LEU A 288 -26.81 -8.41 8.41
CA LEU A 288 -25.82 -7.86 9.32
C LEU A 288 -25.37 -8.82 10.45
N GLN A 289 -25.99 -9.99 10.58
CA GLN A 289 -25.69 -10.87 11.72
C GLN A 289 -24.21 -11.28 11.87
N PRO A 290 -23.48 -11.48 10.76
CA PRO A 290 -22.08 -11.87 11.01
C PRO A 290 -21.29 -10.79 11.73
N LEU A 291 -21.64 -9.53 11.46
CA LEU A 291 -20.95 -8.44 12.10
C LEU A 291 -21.57 -8.11 13.47
N VAL A 292 -22.84 -8.45 13.66
CA VAL A 292 -23.46 -8.32 14.99
C VAL A 292 -22.76 -9.24 15.95
N ASP A 293 -22.63 -10.50 15.51
CA ASP A 293 -22.00 -11.59 16.25
C ASP A 293 -20.52 -11.34 16.54
N LYS A 294 -19.81 -10.74 15.60
CA LYS A 294 -18.37 -10.53 15.75
C LYS A 294 -18.01 -9.12 15.29
N PRO A 295 -18.22 -8.13 16.19
CA PRO A 295 -17.90 -6.72 15.92
C PRO A 295 -16.45 -6.49 15.57
N GLU A 296 -15.57 -7.35 16.07
CA GLU A 296 -14.14 -7.19 15.84
C GLU A 296 -13.73 -7.34 14.37
N GLN A 297 -14.62 -7.91 13.57
CA GLN A 297 -14.38 -8.10 12.15
C GLN A 297 -14.91 -6.91 11.33
N ILE A 298 -15.39 -5.86 12.00
CA ILE A 298 -15.98 -4.77 11.22
C ILE A 298 -14.92 -4.04 10.35
N PRO A 299 -13.72 -3.74 10.88
CA PRO A 299 -12.68 -3.12 10.04
C PRO A 299 -12.30 -3.92 8.80
N ALA A 300 -12.18 -5.25 8.95
CA ALA A 300 -11.92 -6.16 7.83
C ALA A 300 -13.01 -6.10 6.74
N ALA A 301 -14.29 -6.10 7.16
CA ALA A 301 -15.40 -6.00 6.22
C ALA A 301 -15.33 -4.71 5.45
N VAL A 302 -14.97 -3.64 6.14
CA VAL A 302 -14.91 -2.32 5.50
C VAL A 302 -13.91 -2.39 4.38
N GLU A 303 -12.79 -3.07 4.63
CA GLU A 303 -11.76 -3.18 3.63
C GLU A 303 -12.22 -4.06 2.48
N GLU A 304 -12.88 -5.19 2.78
CA GLU A 304 -13.38 -6.05 1.70
C GLU A 304 -14.36 -5.32 0.85
N LEU A 305 -15.22 -4.51 1.47
CA LEU A 305 -16.20 -3.79 0.70
C LEU A 305 -15.52 -2.74 -0.20
N MET A 306 -14.47 -2.13 0.29
CA MET A 306 -13.74 -1.10 -0.43
C MET A 306 -13.12 -1.71 -1.70
N ARG A 307 -12.60 -2.93 -1.54
CA ARG A 307 -12.09 -3.73 -2.64
C ARG A 307 -13.18 -4.07 -3.65
N HIS A 308 -14.34 -4.52 -3.15
CA HIS A 308 -15.33 -5.19 -4.00
C HIS A 308 -16.21 -4.20 -4.78
N VAL A 309 -16.65 -3.14 -4.09
CA VAL A 309 -17.62 -2.22 -4.67
C VAL A 309 -16.97 -1.40 -5.80
N PRO A 310 -17.46 -1.55 -7.03
CA PRO A 310 -17.05 -0.64 -8.10
C PRO A 310 -17.70 0.74 -7.91
N ILE A 311 -17.04 1.62 -7.18
CA ILE A 311 -17.65 2.91 -6.87
C ILE A 311 -17.87 3.76 -8.11
N LEU A 312 -16.94 3.76 -9.06
CA LEU A 312 -17.09 4.59 -10.25
C LEU A 312 -17.75 3.87 -11.43
N SER A 313 -18.66 4.57 -12.10
CA SER A 313 -19.07 4.11 -13.43
C SER A 313 -17.99 4.57 -14.42
N GLY A 314 -17.44 5.77 -14.21
CA GLY A 314 -16.33 6.29 -15.01
C GLY A 314 -14.88 5.97 -14.62
N PHE A 315 -14.07 7.01 -14.43
CA PHE A 315 -12.69 6.89 -14.02
C PHE A 315 -12.15 8.22 -13.50
N SER A 316 -11.07 8.17 -12.75
CA SER A 316 -10.53 9.35 -12.10
C SER A 316 -9.67 10.13 -13.11
N PHE A 317 -8.60 10.78 -12.68
CA PHE A 317 -7.74 11.43 -13.63
C PHE A 317 -6.88 10.46 -14.44
N PRO A 318 -6.75 10.70 -15.76
CA PRO A 318 -5.78 9.97 -16.55
C PRO A 318 -4.36 10.41 -16.13
N ARG A 319 -3.35 9.58 -16.37
CA ARG A 319 -1.98 10.04 -16.17
C ARG A 319 -1.30 9.93 -17.54
N TYR A 320 -0.21 10.67 -17.72
CA TYR A 320 0.43 10.74 -19.03
C TYR A 320 1.85 10.28 -18.87
N ALA A 321 2.30 9.34 -19.71
CA ALA A 321 3.67 8.87 -19.66
C ALA A 321 4.63 10.02 -20.02
N THR A 322 5.68 10.20 -19.22
CA THR A 322 6.68 11.25 -19.44
C THR A 322 7.92 10.68 -20.21
N GLU A 323 7.85 9.42 -20.61
CA GLU A 323 8.91 8.80 -21.39
C GLU A 323 8.34 7.49 -21.82
N ASP A 324 8.88 6.93 -22.91
CA ASP A 324 8.48 5.62 -23.39
C ASP A 324 8.67 4.55 -22.31
N LEU A 325 7.65 3.70 -22.14
CA LEU A 325 7.74 2.58 -21.21
C LEU A 325 6.83 1.40 -21.60
N GLU A 326 7.16 0.23 -21.05
CA GLU A 326 6.44 -1.00 -21.27
C GLU A 326 5.33 -1.25 -20.23
N MET A 327 4.13 -1.54 -20.70
CA MET A 327 3.05 -1.95 -19.82
C MET A 327 2.19 -3.04 -20.48
N SER A 328 2.14 -4.19 -19.83
CA SER A 328 1.35 -5.33 -20.33
C SER A 328 1.50 -5.54 -21.85
N GLY A 329 2.76 -5.59 -22.28
CA GLY A 329 3.13 -5.99 -23.63
C GLY A 329 3.08 -4.90 -24.66
N VAL A 330 2.71 -3.70 -24.22
CA VAL A 330 2.61 -2.56 -25.11
C VAL A 330 3.58 -1.47 -24.73
N THR A 331 4.08 -0.78 -25.75
CA THR A 331 4.95 0.35 -25.52
C THR A 331 4.12 1.59 -25.49
N VAL A 332 3.94 2.12 -24.28
CA VAL A 332 3.27 3.38 -24.06
C VAL A 332 4.26 4.51 -24.37
N ARG A 333 3.93 5.30 -25.38
CA ARG A 333 4.78 6.39 -25.84
C ARG A 333 4.64 7.64 -25.01
N ARG A 334 5.69 8.47 -24.98
CA ARG A 334 5.65 9.73 -24.22
C ARG A 334 4.43 10.56 -24.66
N GLY A 335 3.78 11.21 -23.69
CA GLY A 335 2.54 11.93 -23.92
C GLY A 335 1.22 11.16 -23.89
N GLU A 336 1.21 9.88 -24.29
CA GLU A 336 0.01 9.08 -24.27
C GLU A 336 -0.59 8.85 -22.86
N ALA A 337 -1.91 8.84 -22.80
CA ALA A 337 -2.66 8.72 -21.58
C ALA A 337 -2.91 7.29 -21.21
N VAL A 338 -2.91 7.04 -19.90
CA VAL A 338 -3.29 5.75 -19.34
C VAL A 338 -4.23 6.03 -18.19
N ILE A 339 -5.37 5.36 -18.22
CA ILE A 339 -6.40 5.52 -17.19
C ILE A 339 -6.25 4.42 -16.12
N PRO A 340 -6.11 4.81 -14.84
CA PRO A 340 -6.02 3.78 -13.79
C PRO A 340 -7.43 3.27 -13.39
N VAL A 341 -7.82 2.07 -13.79
CA VAL A 341 -9.16 1.58 -13.41
C VAL A 341 -9.03 0.81 -12.11
N ILE A 342 -9.31 1.53 -11.04
CA ILE A 342 -9.21 1.01 -9.69
C ILE A 342 -10.10 -0.17 -9.51
N ALA A 343 -11.33 -0.09 -10.02
CA ALA A 343 -12.29 -1.17 -9.86
C ALA A 343 -11.74 -2.44 -10.42
N ALA A 344 -11.03 -2.35 -11.55
CA ALA A 344 -10.48 -3.56 -12.19
C ALA A 344 -9.29 -4.12 -11.42
N ALA A 345 -8.39 -3.23 -10.99
CA ALA A 345 -7.24 -3.68 -10.21
C ALA A 345 -7.70 -4.47 -9.00
N ASN A 346 -8.75 -3.98 -8.32
CA ASN A 346 -9.29 -4.64 -7.11
C ASN A 346 -9.94 -6.00 -7.37
N ARG A 347 -10.08 -6.41 -8.62
CA ARG A 347 -10.53 -7.78 -8.90
C ARG A 347 -9.52 -8.52 -9.77
N ASP A 348 -8.25 -8.10 -9.69
CA ASP A 348 -7.18 -8.73 -10.45
C ASP A 348 -7.15 -10.24 -10.14
N PRO A 349 -7.32 -11.10 -11.15
CA PRO A 349 -7.51 -12.54 -10.92
C PRO A 349 -6.31 -13.20 -10.24
N ASP A 350 -5.13 -12.61 -10.39
CA ASP A 350 -3.92 -13.22 -9.85
C ASP A 350 -3.63 -12.72 -8.44
N VAL A 351 -4.04 -11.49 -8.16
CA VAL A 351 -3.95 -10.95 -6.78
C VAL A 351 -5.05 -11.54 -5.87
N TYR A 352 -6.27 -11.60 -6.40
CA TYR A 352 -7.45 -11.99 -5.62
C TYR A 352 -8.15 -13.26 -6.17
N PRO A 353 -7.87 -14.43 -5.57
CA PRO A 353 -8.57 -15.65 -6.01
C PRO A 353 -10.06 -15.43 -5.83
N ASP A 354 -10.86 -15.83 -6.81
CA ASP A 354 -12.32 -15.71 -6.74
C ASP A 354 -12.72 -14.27 -6.40
N ALA A 355 -12.39 -13.37 -7.33
CA ALA A 355 -12.36 -11.94 -6.97
C ALA A 355 -13.77 -11.36 -6.82
N GLY A 356 -14.73 -12.01 -7.48
CA GLY A 356 -16.10 -11.53 -7.52
C GLY A 356 -16.85 -11.86 -6.26
N ARG A 357 -16.26 -12.70 -5.41
CA ARG A 357 -16.87 -13.09 -4.14
C ARG A 357 -16.60 -12.07 -3.02
N LEU A 358 -17.67 -11.53 -2.47
CA LEU A 358 -17.56 -10.72 -1.27
C LEU A 358 -17.36 -11.60 -0.06
N ASP A 359 -16.14 -11.64 0.42
CA ASP A 359 -15.81 -12.43 1.59
C ASP A 359 -15.25 -11.48 2.63
N LEU A 360 -15.97 -11.29 3.71
CA LEU A 360 -15.66 -10.18 4.61
C LEU A 360 -14.48 -10.50 5.48
N GLU A 361 -14.04 -11.75 5.42
CA GLU A 361 -12.86 -12.18 6.15
C GLU A 361 -11.62 -12.23 5.24
N ARG A 362 -11.83 -12.02 3.93
CA ARG A 362 -10.76 -12.15 2.97
C ARG A 362 -9.48 -11.48 3.42
N ASN A 363 -9.57 -10.28 4.02
CA ASN A 363 -8.37 -9.63 4.54
C ASN A 363 -7.31 -9.71 3.47
N GLY A 364 -7.70 -9.37 2.24
CA GLY A 364 -6.85 -9.58 1.10
C GLY A 364 -5.66 -8.66 1.08
N LEU A 365 -4.74 -8.95 0.16
CA LEU A 365 -3.69 -8.02 -0.23
C LEU A 365 -4.27 -6.61 -0.45
N PRO A 366 -3.47 -5.57 -0.22
CA PRO A 366 -4.09 -4.24 -0.09
C PRO A 366 -4.73 -3.74 -1.36
N HIS A 367 -5.97 -3.33 -1.24
CA HIS A 367 -6.72 -2.88 -2.39
C HIS A 367 -6.31 -1.48 -2.79
N LEU A 368 -6.71 -1.06 -3.99
CA LEU A 368 -6.33 0.24 -4.54
C LEU A 368 -7.48 1.21 -4.44
N GLY A 369 -8.42 0.92 -3.56
CA GLY A 369 -9.63 1.71 -3.43
C GLY A 369 -9.48 3.15 -2.97
N PHE A 370 -8.41 3.44 -2.24
CA PHE A 370 -8.04 4.82 -1.87
C PHE A 370 -6.92 5.31 -2.76
N GLY A 371 -6.69 4.60 -3.88
CA GLY A 371 -5.57 4.87 -4.77
C GLY A 371 -4.20 4.45 -4.31
N GLN A 372 -3.19 5.18 -4.79
CA GLN A 372 -1.78 4.83 -4.51
C GLN A 372 -0.87 5.97 -4.95
N GLY A 373 0.36 5.98 -4.44
CA GLY A 373 1.29 7.06 -4.70
C GLY A 373 0.85 8.44 -4.18
N PRO A 374 1.38 9.51 -4.80
CA PRO A 374 1.18 10.89 -4.34
C PRO A 374 -0.23 11.26 -3.97
N HIS A 375 -1.16 10.93 -4.86
CA HIS A 375 -2.55 11.33 -4.71
C HIS A 375 -3.41 10.33 -3.92
N PHE A 376 -2.82 9.27 -3.33
CA PHE A 376 -3.53 8.40 -2.38
C PHE A 376 -4.42 9.23 -1.43
N CYS A 377 -5.69 8.84 -1.34
CA CYS A 377 -6.71 9.64 -0.66
C CYS A 377 -6.24 10.24 0.67
N ILE A 378 -6.20 11.57 0.70
CA ILE A 378 -5.81 12.24 1.93
C ILE A 378 -6.78 11.89 3.05
N GLY A 379 -8.02 11.53 2.69
CA GLY A 379 -9.01 11.20 3.70
C GLY A 379 -9.13 9.73 4.03
N ALA A 380 -8.17 8.89 3.61
CA ALA A 380 -8.37 7.46 3.75
C ALA A 380 -8.69 7.03 5.18
N HIS A 381 -7.98 7.53 6.19
CA HIS A 381 -8.33 7.09 7.56
C HIS A 381 -9.68 7.61 8.10
N LEU A 382 -10.02 8.84 7.75
CA LEU A 382 -11.28 9.43 8.12
C LEU A 382 -12.39 8.56 7.49
N ALA A 383 -12.21 8.19 6.22
CA ALA A 383 -13.23 7.35 5.55
C ALA A 383 -13.37 5.97 6.21
N ARG A 384 -12.24 5.43 6.68
CA ARG A 384 -12.28 4.13 7.31
C ARG A 384 -13.01 4.33 8.63
N VAL A 385 -12.72 5.42 9.35
CA VAL A 385 -13.40 5.71 10.61
C VAL A 385 -14.89 5.84 10.44
N GLU A 386 -15.32 6.67 9.48
CA GLU A 386 -16.73 6.81 9.14
C GLU A 386 -17.46 5.49 8.78
N LEU A 387 -16.84 4.63 7.99
CA LEU A 387 -17.48 3.41 7.54
C LEU A 387 -17.49 2.39 8.63
N GLN A 388 -16.42 2.31 9.40
CA GLN A 388 -16.39 1.45 10.56
C GLN A 388 -17.47 1.88 11.55
N VAL A 389 -17.52 3.17 11.87
CA VAL A 389 -18.47 3.64 12.87
C VAL A 389 -19.90 3.40 12.39
N VAL A 390 -20.19 3.63 11.11
CA VAL A 390 -21.53 3.33 10.61
C VAL A 390 -21.93 1.84 10.80
N LEU A 391 -21.00 0.92 10.58
CA LEU A 391 -21.37 -0.51 10.70
C LEU A 391 -21.52 -0.89 12.17
N GLU A 392 -20.68 -0.28 13.02
CA GLU A 392 -20.78 -0.44 14.47
C GLU A 392 -22.21 0.02 14.93
N ALA A 393 -22.64 1.19 14.47
CA ALA A 393 -23.87 1.80 14.94
C ALA A 393 -25.08 1.05 14.40
N LEU A 394 -25.01 0.64 13.14
CA LEU A 394 -26.08 -0.15 12.54
C LEU A 394 -26.22 -1.55 13.14
N THR A 395 -25.11 -2.20 13.46
CA THR A 395 -25.19 -3.56 14.05
C THR A 395 -25.73 -3.53 15.48
N GLU A 396 -25.27 -2.53 16.22
CA GLU A 396 -25.61 -2.42 17.64
C GLU A 396 -27.06 -2.01 17.78
N ARG A 397 -27.46 -1.03 16.97
CA ARG A 397 -28.78 -0.46 17.04
C ARG A 397 -29.85 -1.22 16.24
N PHE A 398 -29.55 -1.72 15.02
CA PHE A 398 -30.52 -2.47 14.22
C PHE A 398 -30.01 -3.85 13.73
N PRO A 399 -29.81 -4.80 14.65
CA PRO A 399 -29.24 -6.08 14.17
C PRO A 399 -30.05 -6.74 13.04
N ASP A 400 -31.38 -6.60 13.02
CA ASP A 400 -32.21 -7.29 12.01
C ASP A 400 -32.56 -6.35 10.84
N LEU A 401 -31.76 -5.31 10.67
CA LEU A 401 -31.85 -4.43 9.50
C LEU A 401 -32.03 -5.25 8.25
N ARG A 402 -32.88 -4.75 7.36
CA ARG A 402 -33.20 -5.42 6.11
C ARG A 402 -33.72 -4.42 5.08
N PHE A 403 -33.74 -4.82 3.82
CA PHE A 403 -34.28 -3.94 2.80
C PHE A 403 -35.71 -3.62 3.17
N GLY A 404 -36.13 -2.39 2.89
CA GLY A 404 -37.48 -1.94 3.20
C GLY A 404 -38.37 -1.98 1.99
N ILE A 405 -37.79 -2.36 0.86
CA ILE A 405 -38.53 -2.60 -0.37
C ILE A 405 -37.91 -3.81 -1.05
N PRO A 406 -38.58 -4.34 -2.07
CA PRO A 406 -38.00 -5.52 -2.72
C PRO A 406 -36.74 -5.12 -3.42
N GLU A 407 -35.79 -6.04 -3.47
CA GLU A 407 -34.46 -5.71 -3.97
C GLU A 407 -34.52 -5.17 -5.36
N ASN A 408 -35.36 -5.77 -6.20
CA ASN A 408 -35.42 -5.39 -7.61
C ASN A 408 -36.02 -4.02 -7.81
N ALA A 409 -36.56 -3.45 -6.75
CA ALA A 409 -37.11 -2.10 -6.83
C ALA A 409 -36.06 -1.01 -6.56
N LEU A 410 -34.87 -1.40 -6.09
CA LEU A 410 -33.86 -0.42 -5.68
C LEU A 410 -33.51 0.54 -6.80
N LYS A 411 -33.56 1.83 -6.50
CA LYS A 411 -33.31 2.84 -7.50
C LYS A 411 -31.82 3.18 -7.58
N TRP A 412 -31.10 2.32 -8.31
CA TRP A 412 -29.71 2.53 -8.62
C TRP A 412 -29.56 3.69 -9.56
N LYS A 413 -28.50 4.47 -9.36
CA LYS A 413 -28.19 5.59 -10.24
C LYS A 413 -27.77 5.03 -11.59
N ARG A 414 -28.30 5.64 -12.65
CA ARG A 414 -28.05 5.19 -14.02
C ARG A 414 -27.24 6.25 -14.75
N GLY A 415 -26.13 5.80 -15.34
CA GLY A 415 -25.26 6.68 -16.09
C GLY A 415 -24.59 7.84 -15.34
N HIS A 416 -24.52 7.78 -14.00
CA HIS A 416 -23.83 8.84 -13.25
C HIS A 416 -22.35 8.54 -13.10
N PHE A 417 -21.58 9.55 -12.70
CA PHE A 417 -20.13 9.36 -12.54
C PHE A 417 -19.80 8.31 -11.46
N MET A 418 -20.47 8.40 -10.30
CA MET A 418 -20.36 7.38 -9.24
C MET A 418 -21.57 6.47 -9.19
N ASN A 419 -21.35 5.19 -8.87
CA ASN A 419 -22.44 4.25 -8.64
C ASN A 419 -23.01 4.36 -7.23
N GLY A 420 -24.32 4.12 -7.13
CA GLY A 420 -25.01 4.22 -5.87
C GLY A 420 -26.51 4.25 -6.04
N LEU A 421 -27.18 4.60 -4.96
CA LEU A 421 -28.64 4.54 -4.86
C LEU A 421 -29.21 5.93 -4.73
N HIS A 422 -30.34 6.19 -5.38
CA HIS A 422 -31.06 7.41 -5.15
C HIS A 422 -31.63 7.32 -3.78
N GLU A 423 -32.05 6.10 -3.42
CA GLU A 423 -32.67 5.85 -2.13
C GLU A 423 -32.33 4.46 -1.65
N LEU A 424 -32.37 4.27 -0.34
CA LEU A 424 -32.17 2.97 0.29
C LEU A 424 -33.17 2.82 1.42
N PRO A 425 -34.38 2.34 1.10
CA PRO A 425 -35.32 2.07 2.19
C PRO A 425 -34.87 0.93 3.03
N VAL A 426 -34.84 1.10 4.34
CA VAL A 426 -34.52 0.01 5.23
C VAL A 426 -35.64 -0.21 6.25
N ALA A 427 -35.79 -1.45 6.69
CA ALA A 427 -36.69 -1.76 7.80
C ALA A 427 -35.97 -2.51 8.92
N TRP A 428 -36.60 -2.56 10.09
CA TRP A 428 -35.96 -3.12 11.28
C TRP A 428 -37.00 -3.68 12.23
N LEU B 39 23.17 12.41 22.04
CA LEU B 39 22.05 11.84 21.29
C LEU B 39 21.77 10.39 21.64
N LEU B 40 20.52 9.97 21.50
CA LEU B 40 20.17 8.56 21.66
C LEU B 40 20.96 7.73 20.66
N THR B 41 21.40 6.53 21.06
CA THR B 41 22.09 5.64 20.13
C THR B 41 21.12 4.59 19.59
N PHE B 42 21.26 4.28 18.31
CA PHE B 42 20.37 3.39 17.59
C PHE B 42 21.25 2.45 16.81
N PRO B 43 20.85 1.17 16.67
CA PRO B 43 19.64 0.49 17.14
C PRO B 43 19.56 0.34 18.63
N PHE B 44 18.34 0.12 19.11
CA PHE B 44 18.05 -0.03 20.52
C PHE B 44 18.30 -1.46 21.01
N ALA B 45 18.37 -1.64 22.33
CA ALA B 45 18.59 -2.97 22.89
C ALA B 45 17.36 -3.82 22.73
N SER B 46 17.59 -5.03 22.24
CA SER B 46 16.52 -6.04 22.12
C SER B 46 17.17 -7.40 21.91
N THR B 47 16.47 -8.47 22.28
CA THR B 47 16.97 -9.80 21.93
C THR B 47 15.89 -10.60 21.20
N GLY B 48 16.33 -11.34 20.20
CA GLY B 48 15.44 -12.17 19.43
C GLY B 48 14.47 -11.26 18.70
N LEU B 49 13.21 -11.65 18.72
CA LEU B 49 12.17 -10.88 18.10
C LEU B 49 11.50 -9.87 19.07
N GLU B 50 12.13 -9.61 20.22
CA GLU B 50 11.63 -8.59 21.15
C GLU B 50 11.44 -7.27 20.43
N PHE B 51 10.35 -6.58 20.74
CA PHE B 51 10.16 -5.19 20.35
C PHE B 51 10.48 -4.32 21.60
N PRO B 52 11.48 -3.41 21.50
CA PRO B 52 11.87 -2.73 22.74
C PRO B 52 10.85 -1.67 23.19
N PRO B 53 10.62 -1.55 24.52
CA PRO B 53 9.63 -0.62 25.05
C PRO B 53 9.95 0.87 24.82
N VAL B 54 11.19 1.19 24.54
CA VAL B 54 11.52 2.57 24.29
C VAL B 54 10.66 3.17 23.16
N TYR B 55 10.19 2.36 22.19
CA TYR B 55 9.36 2.86 21.07
C TYR B 55 8.04 3.43 21.59
N HIS B 56 7.48 2.82 22.63
CA HIS B 56 6.24 3.30 23.23
C HIS B 56 6.45 4.69 23.87
N GLU B 57 7.68 5.02 24.25
CA GLU B 57 7.99 6.38 24.68
C GLU B 57 8.02 7.32 23.44
N LEU B 58 8.79 6.93 22.43
CA LEU B 58 9.00 7.77 21.25
C LEU B 58 7.76 8.05 20.37
N TYR B 59 6.75 7.20 20.43
CA TYR B 59 5.60 7.40 19.53
C TYR B 59 4.96 8.76 19.76
N GLN B 60 4.92 9.16 21.02
CA GLN B 60 4.21 10.36 21.43
C GLN B 60 5.12 11.60 21.46
N GLN B 61 6.38 11.43 21.08
CA GLN B 61 7.34 12.55 20.97
C GLN B 61 7.55 13.05 19.56
N ARG B 62 8.27 14.16 19.45
CA ARG B 62 8.57 14.70 18.16
C ARG B 62 9.65 13.82 17.53
N LEU B 63 9.88 14.00 16.24
CA LEU B 63 10.89 13.25 15.52
C LEU B 63 12.22 13.37 16.29
N THR B 64 12.89 12.24 16.56
CA THR B 64 14.12 12.26 17.36
C THR B 64 15.37 11.85 16.59
N LYS B 65 16.44 12.60 16.83
CA LYS B 65 17.72 12.40 16.21
C LYS B 65 18.47 11.35 17.00
N VAL B 66 19.18 10.45 16.29
CA VAL B 66 19.98 9.43 16.96
C VAL B 66 21.38 9.38 16.38
N ARG B 67 22.28 8.77 17.15
CA ARG B 67 23.66 8.45 16.75
C ARG B 67 23.73 7.00 16.28
N LEU B 68 24.44 6.75 15.19
CA LEU B 68 24.51 5.41 14.64
C LEU B 68 25.93 4.88 14.74
N PRO B 69 26.11 3.56 14.65
CA PRO B 69 27.44 2.96 14.73
C PRO B 69 28.48 3.52 13.76
N TYR B 70 28.09 3.83 12.53
CA TYR B 70 28.97 4.44 11.54
C TYR B 70 28.14 5.52 10.81
N GLY B 71 28.84 6.52 10.28
CA GLY B 71 28.23 7.58 9.51
C GLY B 71 27.59 8.69 10.31
N ASP B 72 26.97 9.61 9.58
CA ASP B 72 26.32 10.74 10.21
C ASP B 72 25.19 10.29 11.12
N ASP B 73 24.71 11.21 11.94
CA ASP B 73 23.55 10.98 12.76
C ASP B 73 22.34 11.02 11.80
N ALA B 74 21.18 10.59 12.28
CA ALA B 74 19.92 10.65 11.52
C ALA B 74 18.71 10.73 12.45
N TYR B 75 17.60 11.20 11.90
CA TYR B 75 16.33 11.13 12.55
C TYR B 75 15.72 9.75 12.42
N LEU B 76 14.85 9.42 13.36
CA LEU B 76 14.17 8.15 13.44
C LEU B 76 12.67 8.29 13.13
N ALA B 77 12.33 8.01 11.87
CA ALA B 77 10.95 7.85 11.44
C ALA B 77 10.36 6.59 12.02
N ILE B 78 9.42 6.75 12.95
CA ILE B 78 8.78 5.60 13.59
C ILE B 78 7.24 5.57 13.47
N ARG B 79 6.58 6.72 13.25
CA ARG B 79 5.15 6.70 12.94
C ARG B 79 4.92 6.10 11.55
N TYR B 80 3.80 5.40 11.39
CA TYR B 80 3.36 4.76 10.17
C TYR B 80 3.41 5.71 8.99
N ALA B 81 2.83 6.89 9.18
CA ALA B 81 2.72 7.86 8.09
C ALA B 81 4.12 8.39 7.77
N ASP B 82 4.97 8.49 8.80
CA ASP B 82 6.30 9.05 8.59
C ASP B 82 7.18 8.09 7.83
N VAL B 83 7.12 6.82 8.18
CA VAL B 83 7.90 5.82 7.45
C VAL B 83 7.40 5.71 6.00
N LYS B 84 6.08 5.81 5.80
CA LYS B 84 5.54 5.80 4.46
C LYS B 84 6.11 6.97 3.66
N THR B 85 6.18 8.11 4.32
CA THR B 85 6.68 9.32 3.66
C THR B 85 8.13 9.12 3.25
N VAL B 86 8.94 8.62 4.19
CA VAL B 86 10.37 8.48 3.97
C VAL B 86 10.62 7.52 2.80
N LEU B 87 9.79 6.49 2.71
CA LEU B 87 9.98 5.49 1.69
C LEU B 87 9.44 5.86 0.31
N SER B 88 8.47 6.77 0.26
CA SER B 88 7.67 6.90 -0.97
C SER B 88 7.60 8.35 -1.49
N ASP B 89 8.00 9.34 -0.66
CA ASP B 89 7.88 10.75 -1.03
C ASP B 89 9.15 11.16 -1.82
N SER B 90 8.96 11.82 -2.97
CA SER B 90 10.12 12.20 -3.82
C SER B 90 11.07 13.15 -3.14
N ARG B 91 10.64 13.79 -2.07
CA ARG B 91 11.57 14.66 -1.32
C ARG B 91 12.51 13.89 -0.41
N PHE B 92 12.42 12.56 -0.45
CA PHE B 92 13.46 11.73 0.19
C PHE B 92 14.21 10.90 -0.88
N SER B 93 15.50 11.21 -1.05
CA SER B 93 16.38 10.49 -1.95
C SER B 93 17.15 9.34 -1.27
N ILE B 94 17.31 8.19 -1.93
CA ILE B 94 18.06 7.09 -1.32
C ILE B 94 19.55 7.33 -1.59
N VAL B 95 19.88 8.40 -2.32
CA VAL B 95 21.24 8.66 -2.75
C VAL B 95 21.84 9.82 -1.92
N ALA B 96 23.09 9.67 -1.49
CA ALA B 96 23.78 10.69 -0.72
C ALA B 96 24.54 11.63 -1.66
N SER B 97 23.89 12.69 -2.11
CA SER B 97 24.44 13.52 -3.19
C SER B 97 24.96 14.85 -2.63
N LEU B 98 24.94 14.99 -1.31
CA LEU B 98 25.40 16.21 -0.66
C LEU B 98 26.51 15.97 0.37
N GLY B 99 27.39 15.02 0.07
CA GLY B 99 28.54 14.71 0.89
C GLY B 99 28.26 14.06 2.24
N GLN B 100 27.14 13.37 2.35
CA GLN B 100 26.79 12.72 3.61
C GLN B 100 27.58 11.42 3.78
N ASP B 101 27.83 11.08 5.03
CA ASP B 101 28.42 9.79 5.41
C ASP B 101 27.31 8.87 5.87
N GLN B 102 27.00 7.91 5.01
CA GLN B 102 25.80 7.09 5.14
C GLN B 102 25.59 6.50 6.52
N PRO B 103 24.51 6.92 7.23
CA PRO B 103 24.19 6.27 8.50
C PRO B 103 23.94 4.79 8.32
N ARG B 104 24.52 3.97 9.20
CA ARG B 104 24.58 2.55 8.96
C ARG B 104 25.05 1.79 10.19
N THR B 105 24.87 0.46 10.16
CA THR B 105 25.41 -0.42 11.18
C THR B 105 26.59 -1.22 10.65
N ARG B 106 26.86 -1.10 9.36
CA ARG B 106 27.96 -1.82 8.74
C ARG B 106 29.15 -0.92 8.54
N ALA B 107 30.34 -1.46 8.77
CA ALA B 107 31.54 -0.63 8.71
C ALA B 107 31.70 -0.05 7.31
N GLY B 108 31.50 -0.87 6.28
CA GLY B 108 31.55 -0.37 4.91
C GLY B 108 30.22 0.18 4.42
N ALA B 109 30.22 1.45 4.01
CA ALA B 109 29.05 2.07 3.41
C ALA B 109 28.54 1.26 2.27
N ARG B 110 27.23 1.15 2.21
CA ARG B 110 26.60 0.34 1.22
C ARG B 110 26.52 1.07 -0.08
N VAL B 111 27.45 0.79 -0.99
CA VAL B 111 27.49 1.45 -2.30
C VAL B 111 27.62 0.51 -3.51
N GLY B 112 26.98 0.87 -4.62
CA GLY B 112 27.07 0.07 -5.82
C GLY B 112 26.31 0.68 -6.97
N ASN B 113 26.01 -0.12 -7.99
CA ASN B 113 25.36 0.41 -9.19
C ASN B 113 24.02 -0.20 -9.46
N GLY B 114 23.48 -0.87 -8.44
CA GLY B 114 22.21 -1.53 -8.53
C GLY B 114 21.01 -0.77 -7.93
N LEU B 115 19.96 -1.49 -7.51
CA LEU B 115 18.69 -0.81 -7.37
C LEU B 115 18.64 0.11 -6.14
N PHE B 116 19.36 -0.25 -5.11
CA PHE B 116 19.36 0.54 -3.87
C PHE B 116 20.23 1.80 -3.97
N SER B 117 20.92 1.95 -5.10
CA SER B 117 21.82 3.09 -5.32
C SER B 117 21.16 4.16 -6.21
N LEU B 118 19.92 3.92 -6.67
CA LEU B 118 19.26 4.80 -7.64
C LEU B 118 17.94 5.38 -7.15
N ASP B 119 17.67 6.60 -7.58
CA ASP B 119 16.37 7.23 -7.43
C ASP B 119 15.65 7.14 -8.75
N PRO B 120 14.34 7.31 -8.73
CA PRO B 120 13.57 7.48 -9.97
C PRO B 120 13.99 8.76 -10.63
N PRO B 121 13.99 8.82 -11.98
CA PRO B 121 13.51 7.77 -12.90
C PRO B 121 14.54 6.69 -13.22
N GLN B 122 15.81 6.93 -12.88
CA GLN B 122 16.86 5.96 -13.21
C GLN B 122 16.55 4.64 -12.53
N HIS B 123 16.14 4.71 -11.27
CA HIS B 123 15.77 3.48 -10.58
C HIS B 123 14.62 2.76 -11.32
N SER B 124 13.63 3.52 -11.76
CA SER B 124 12.47 2.93 -12.44
C SER B 124 12.78 2.16 -13.79
N ARG B 125 13.69 2.70 -14.60
CA ARG B 125 14.00 2.09 -15.89
C ARG B 125 14.83 0.82 -15.65
N LEU B 126 15.70 0.87 -14.66
CA LEU B 126 16.54 -0.26 -14.38
C LEU B 126 15.70 -1.43 -13.84
N ARG B 127 14.90 -1.18 -12.81
CA ARG B 127 14.02 -2.21 -12.22
C ARG B 127 13.06 -2.79 -13.26
N SER B 128 12.60 -1.96 -14.19
CA SER B 128 11.65 -2.42 -15.18
C SER B 128 12.26 -3.44 -16.12
N VAL B 129 13.59 -3.61 -16.09
CA VAL B 129 14.17 -4.77 -16.74
C VAL B 129 13.72 -6.08 -16.03
N LEU B 130 13.63 -6.06 -14.69
CA LEU B 130 13.09 -7.24 -13.94
C LEU B 130 11.57 -7.29 -13.76
N GLY B 131 10.92 -6.15 -13.93
CA GLY B 131 9.58 -5.98 -13.40
C GLY B 131 8.63 -7.12 -13.71
N ARG B 132 8.63 -7.54 -14.97
CA ARG B 132 7.59 -8.39 -15.52
C ARG B 132 7.76 -9.81 -15.06
N ASP B 133 8.93 -10.13 -14.50
CA ASP B 133 9.10 -11.46 -13.92
C ASP B 133 8.62 -11.57 -12.46
N PHE B 134 8.26 -10.45 -11.85
CA PHE B 134 7.84 -10.46 -10.42
C PHE B 134 6.41 -9.96 -10.17
N THR B 135 5.67 -9.68 -11.23
CA THR B 135 4.26 -9.33 -11.09
C THR B 135 3.48 -10.49 -10.51
N PRO B 136 2.36 -10.24 -9.79
CA PRO B 136 1.55 -11.37 -9.30
C PRO B 136 1.25 -12.40 -10.40
N ARG B 137 0.99 -11.93 -11.62
CA ARG B 137 0.56 -12.79 -12.70
C ARG B 137 1.65 -13.82 -13.04
N ARG B 138 2.91 -13.41 -13.01
CA ARG B 138 4.06 -14.30 -13.25
C ARG B 138 4.40 -15.18 -12.06
N VAL B 139 4.43 -14.58 -10.88
CA VAL B 139 4.81 -15.30 -9.71
C VAL B 139 3.80 -16.37 -9.33
N GLU B 140 2.51 -16.10 -9.56
CA GLU B 140 1.48 -17.06 -9.22
C GLU B 140 1.75 -18.41 -9.94
N LYS B 141 2.39 -18.38 -11.10
CA LYS B 141 2.69 -19.60 -11.88
C LYS B 141 3.73 -20.51 -11.20
N LEU B 142 4.46 -19.94 -10.25
CA LEU B 142 5.58 -20.60 -9.58
C LEU B 142 5.08 -21.35 -8.37
N ARG B 143 3.81 -21.13 -8.04
CA ARG B 143 3.27 -21.64 -6.79
C ARG B 143 3.55 -23.16 -6.69
N GLU B 144 3.28 -23.88 -7.78
CA GLU B 144 3.45 -25.34 -7.82
C GLU B 144 4.92 -25.75 -7.58
N ARG B 145 5.87 -25.15 -8.29
CA ARG B 145 7.28 -25.46 -8.07
C ARG B 145 7.75 -25.15 -6.66
N VAL B 146 7.21 -24.10 -6.06
CA VAL B 146 7.58 -23.75 -4.71
C VAL B 146 7.11 -24.86 -3.76
N ARG B 147 5.89 -25.36 -3.99
CA ARG B 147 5.38 -26.45 -3.15
C ARG B 147 6.20 -27.73 -3.31
N GLU B 148 6.53 -28.05 -4.55
CA GLU B 148 7.39 -29.20 -4.87
C GLU B 148 8.71 -29.17 -4.15
N LEU B 149 9.42 -28.07 -4.23
CA LEU B 149 10.68 -27.93 -3.51
C LEU B 149 10.44 -28.01 -2.01
N THR B 150 9.35 -27.43 -1.56
CA THR B 150 9.06 -27.47 -0.14
C THR B 150 8.82 -28.92 0.28
N ASP B 151 8.17 -29.70 -0.59
CA ASP B 151 7.87 -31.11 -0.27
C ASP B 151 9.15 -31.97 -0.22
N GLN B 152 10.09 -31.68 -1.11
CA GLN B 152 11.34 -32.43 -1.15
C GLN B 152 12.09 -32.21 0.13
N CYS B 153 12.11 -30.94 0.57
CA CYS B 153 12.81 -30.54 1.80
C CYS B 153 12.22 -31.30 2.96
N LEU B 154 10.90 -31.32 3.03
CA LEU B 154 10.23 -31.97 4.15
C LEU B 154 10.34 -33.50 4.09
N ASP B 155 10.40 -34.08 2.88
CA ASP B 155 10.67 -35.52 2.75
C ASP B 155 11.99 -35.79 3.44
N ARG B 156 12.97 -34.96 3.13
CA ARG B 156 14.30 -35.11 3.71
C ARG B 156 14.29 -34.89 5.23
N MET B 157 13.49 -33.95 5.72
CA MET B 157 13.41 -33.71 7.16
C MET B 157 12.81 -34.91 7.88
N GLU B 158 11.74 -35.44 7.31
CA GLU B 158 11.00 -36.55 7.91
C GLU B 158 11.93 -37.76 8.00
N ALA B 159 12.73 -37.95 6.97
CA ALA B 159 13.68 -39.05 6.89
C ALA B 159 14.77 -38.95 7.94
N ALA B 160 15.25 -37.72 8.17
CA ALA B 160 16.21 -37.45 9.24
C ALA B 160 15.63 -37.83 10.58
N GLY B 161 14.34 -37.53 10.78
CA GLY B 161 13.65 -37.92 11.99
C GLY B 161 13.47 -36.84 13.02
N SER B 162 12.41 -36.98 13.79
CA SER B 162 12.11 -36.04 14.86
C SER B 162 13.05 -36.27 16.04
N PRO B 163 13.61 -35.21 16.63
CA PRO B 163 13.50 -33.82 16.23
C PRO B 163 14.56 -33.45 15.20
N ALA B 164 14.22 -32.55 14.29
CA ALA B 164 15.14 -32.06 13.25
C ALA B 164 15.23 -30.53 13.20
N ASP B 165 16.29 -30.00 12.59
CA ASP B 165 16.48 -28.55 12.43
C ASP B 165 15.77 -28.04 11.19
N LEU B 166 14.62 -27.40 11.37
CA LEU B 166 13.88 -26.90 10.25
C LEU B 166 14.64 -25.80 9.45
N VAL B 167 15.55 -25.06 10.08
CA VAL B 167 16.37 -24.07 9.35
C VAL B 167 17.21 -24.75 8.28
N ALA B 168 17.93 -25.80 8.70
CA ALA B 168 18.82 -26.49 7.81
C ALA B 168 18.03 -27.30 6.77
N HIS B 169 16.85 -27.82 7.16
CA HIS B 169 16.08 -28.68 6.28
C HIS B 169 15.13 -27.94 5.37
N LEU B 170 14.66 -26.77 5.79
CA LEU B 170 13.69 -26.05 4.95
C LEU B 170 14.04 -24.57 4.75
N ALA B 171 14.11 -23.79 5.82
CA ALA B 171 14.29 -22.34 5.67
C ALA B 171 15.47 -21.93 4.75
N VAL B 172 16.60 -22.63 4.82
CA VAL B 172 17.73 -22.26 3.97
C VAL B 172 17.56 -22.80 2.54
N PRO B 173 17.32 -24.11 2.39
CA PRO B 173 17.34 -24.69 1.05
C PRO B 173 16.25 -24.25 0.10
N MET B 174 15.04 -24.10 0.61
CA MET B 174 13.93 -23.93 -0.31
C MET B 174 13.96 -22.58 -1.02
N PRO B 175 14.02 -21.46 -0.27
CA PRO B 175 14.04 -20.15 -0.98
C PRO B 175 15.33 -19.93 -1.78
N THR B 176 16.43 -20.55 -1.37
CA THR B 176 17.63 -20.50 -2.17
C THR B 176 17.46 -21.21 -3.51
N ALA B 177 16.85 -22.41 -3.50
CA ALA B 177 16.60 -23.12 -4.75
C ALA B 177 15.67 -22.31 -5.60
N VAL B 178 14.67 -21.68 -4.99
CA VAL B 178 13.67 -21.01 -5.80
C VAL B 178 14.32 -19.94 -6.69
N VAL B 179 15.15 -19.07 -6.10
CA VAL B 179 15.75 -17.98 -6.91
C VAL B 179 16.91 -18.46 -7.76
N CYS B 180 17.63 -19.47 -7.28
CA CYS B 180 18.77 -19.91 -8.04
C CYS B 180 18.25 -20.58 -9.29
N GLU B 181 17.18 -21.37 -9.23
CA GLU B 181 16.70 -21.96 -10.48
C GLU B 181 15.94 -20.93 -11.33
N MET B 182 15.36 -19.92 -10.69
CA MET B 182 14.82 -18.81 -11.42
C MET B 182 15.94 -18.10 -12.24
N MET B 183 17.08 -17.85 -11.60
CA MET B 183 18.20 -17.20 -12.25
C MET B 183 18.97 -18.11 -13.20
N GLY B 184 19.15 -19.37 -12.79
CA GLY B 184 19.90 -20.33 -13.56
C GLY B 184 21.19 -20.68 -12.90
N VAL B 185 21.22 -20.70 -11.57
CA VAL B 185 22.41 -21.11 -10.84
C VAL B 185 22.30 -22.55 -10.38
N PRO B 186 23.32 -23.39 -10.67
CA PRO B 186 23.19 -24.81 -10.30
C PRO B 186 23.18 -25.01 -8.78
N GLU B 187 22.44 -26.02 -8.31
CA GLU B 187 22.34 -26.34 -6.89
C GLU B 187 23.68 -26.28 -6.17
N PRO B 188 24.68 -27.00 -6.68
CA PRO B 188 25.96 -27.07 -5.99
C PRO B 188 26.67 -25.73 -5.76
N ASP B 189 26.24 -24.65 -6.39
CA ASP B 189 26.91 -23.37 -6.16
C ASP B 189 26.15 -22.50 -5.14
N HIS B 190 25.02 -23.01 -4.67
CA HIS B 190 24.19 -22.24 -3.74
C HIS B 190 25.02 -21.70 -2.58
N HIS B 191 25.90 -22.54 -2.04
CA HIS B 191 26.70 -22.17 -0.87
C HIS B 191 27.52 -20.91 -1.14
N LEU B 192 27.93 -20.71 -2.40
CA LEU B 192 28.70 -19.50 -2.73
C LEU B 192 27.86 -18.25 -2.55
N PHE B 193 26.60 -18.36 -2.94
CA PHE B 193 25.73 -17.20 -2.85
C PHE B 193 25.31 -16.93 -1.42
N TRP B 194 25.21 -17.95 -0.57
CA TRP B 194 25.05 -17.71 0.86
C TRP B 194 26.23 -16.90 1.40
N GLY B 195 27.45 -17.29 1.03
CA GLY B 195 28.63 -16.62 1.56
C GLY B 195 28.71 -15.16 1.17
N TRP B 196 28.33 -14.87 -0.07
CA TRP B 196 28.38 -13.49 -0.55
C TRP B 196 27.26 -12.68 0.12
N ALA B 197 26.10 -13.30 0.27
CA ALA B 197 24.98 -12.57 0.89
C ALA B 197 25.25 -12.30 2.39
N GLU B 198 25.88 -13.25 3.11
CA GLU B 198 26.20 -13.03 4.53
C GLU B 198 27.22 -11.90 4.66
N THR B 199 28.09 -11.81 3.68
CA THR B 199 29.06 -10.75 3.66
C THR B 199 28.36 -9.39 3.53
N ILE B 200 27.46 -9.25 2.57
CA ILE B 200 26.67 -8.04 2.48
C ILE B 200 26.01 -7.70 3.82
N LEU B 201 25.41 -8.72 4.45
CA LEU B 201 24.55 -8.51 5.61
C LEU B 201 25.28 -8.40 6.95
N SER B 202 26.55 -8.83 7.03
CA SER B 202 27.28 -8.75 8.30
C SER B 202 27.78 -7.34 8.70
N ASN B 203 27.36 -6.90 9.87
CA ASN B 203 27.78 -5.63 10.38
C ASN B 203 29.31 -5.45 10.51
N ASP B 204 30.08 -6.54 10.52
CA ASP B 204 31.54 -6.37 10.66
C ASP B 204 32.31 -6.37 9.32
N THR B 205 31.57 -6.43 8.21
CA THR B 205 32.16 -6.37 6.87
C THR B 205 32.83 -5.02 6.56
N THR B 206 34.06 -5.05 6.05
CA THR B 206 34.80 -3.84 5.70
C THR B 206 34.69 -3.54 4.22
N PRO B 207 35.14 -2.34 3.80
CA PRO B 207 35.11 -2.05 2.36
C PRO B 207 35.96 -3.06 1.57
N ASP B 208 37.05 -3.54 2.17
CA ASP B 208 37.88 -4.56 1.53
C ASP B 208 37.09 -5.84 1.35
N ASP B 209 36.37 -6.24 2.41
CA ASP B 209 35.58 -7.48 2.36
C ASP B 209 34.63 -7.39 1.17
N LEU B 210 34.11 -6.19 0.94
CA LEU B 210 33.15 -5.94 -0.15
C LEU B 210 33.78 -5.96 -1.54
N ILE B 211 35.01 -5.48 -1.63
CA ILE B 211 35.78 -5.60 -2.87
C ILE B 211 35.97 -7.09 -3.16
N ARG B 212 36.45 -7.83 -2.15
CA ARG B 212 36.68 -9.27 -2.33
C ARG B 212 35.41 -9.91 -2.85
N ARG B 213 34.27 -9.63 -2.21
CA ARG B 213 32.98 -10.11 -2.69
C ARG B 213 32.72 -9.69 -4.14
N TYR B 214 32.74 -8.38 -4.38
CA TYR B 214 32.55 -7.88 -5.74
C TYR B 214 33.43 -8.64 -6.74
N GLN B 215 34.69 -8.88 -6.38
CA GLN B 215 35.60 -9.53 -7.33
C GLN B 215 35.16 -10.98 -7.61
N GLU B 216 34.89 -11.71 -6.54
CA GLU B 216 34.47 -13.09 -6.64
C GLU B 216 33.14 -13.21 -7.38
N PHE B 217 32.18 -12.33 -7.05
CA PHE B 217 30.88 -12.43 -7.67
C PHE B 217 30.93 -12.12 -9.15
N THR B 218 31.74 -11.15 -9.50
CA THR B 218 31.87 -10.71 -10.87
C THR B 218 32.49 -11.82 -11.70
N ALA B 219 33.47 -12.49 -11.11
CA ALA B 219 34.12 -13.58 -11.80
C ALA B 219 33.10 -14.65 -12.08
N TYR B 220 32.31 -15.02 -11.07
CA TYR B 220 31.31 -16.06 -11.22
C TYR B 220 30.33 -15.75 -12.34
N MET B 221 29.72 -14.58 -12.26
CA MET B 221 28.63 -14.28 -13.18
C MET B 221 29.21 -14.05 -14.57
N GLY B 222 30.44 -13.54 -14.61
CA GLY B 222 31.11 -13.32 -15.88
C GLY B 222 31.21 -14.62 -16.67
N ALA B 223 31.62 -15.67 -15.98
CA ALA B 223 31.70 -16.99 -16.59
C ALA B 223 30.31 -17.41 -17.05
N MET B 224 29.30 -17.11 -16.24
CA MET B 224 27.94 -17.48 -16.57
C MET B 224 27.42 -16.71 -17.76
N VAL B 225 27.90 -15.48 -17.92
CA VAL B 225 27.54 -14.67 -19.09
C VAL B 225 28.10 -15.31 -20.37
N GLU B 226 29.35 -15.73 -20.30
CA GLU B 226 30.00 -16.28 -21.46
C GLU B 226 29.29 -17.57 -21.84
N GLU B 227 28.88 -18.35 -20.85
CA GLU B 227 28.12 -19.55 -21.15
C GLU B 227 26.84 -19.19 -21.91
N ARG B 228 26.14 -18.14 -21.45
CA ARG B 228 24.85 -17.85 -22.06
C ARG B 228 24.97 -17.19 -23.42
N ARG B 229 26.10 -16.53 -23.67
CA ARG B 229 26.32 -15.93 -24.98
C ARG B 229 26.44 -17.01 -26.08
N ALA B 230 27.20 -18.05 -25.77
CA ALA B 230 27.38 -19.16 -26.70
C ALA B 230 26.17 -20.11 -26.84
N ARG B 231 25.47 -20.36 -25.73
CA ARG B 231 24.25 -21.15 -25.70
C ARG B 231 23.19 -20.38 -24.91
N PRO B 232 22.24 -19.71 -25.61
CA PRO B 232 21.33 -18.90 -24.79
C PRO B 232 20.38 -19.76 -23.97
N THR B 233 20.02 -19.27 -22.79
CA THR B 233 19.11 -19.99 -21.92
C THR B 233 17.89 -19.15 -21.60
N ASP B 234 16.78 -19.82 -21.32
CA ASP B 234 15.51 -19.16 -21.08
C ASP B 234 15.32 -18.59 -19.66
N ASP B 235 16.31 -18.74 -18.79
CA ASP B 235 16.16 -18.28 -17.42
C ASP B 235 16.37 -16.75 -17.31
N MET B 236 16.26 -16.22 -16.10
CA MET B 236 16.39 -14.77 -15.87
C MET B 236 17.77 -14.23 -16.22
N PHE B 237 18.83 -14.96 -15.89
CA PHE B 237 20.15 -14.46 -16.25
C PHE B 237 20.28 -14.45 -17.77
N GLY B 238 19.66 -15.43 -18.43
CA GLY B 238 19.64 -15.43 -19.89
C GLY B 238 18.91 -14.22 -20.45
N MET B 239 17.83 -13.85 -19.79
CA MET B 239 17.01 -12.73 -20.21
C MET B 239 17.83 -11.45 -20.02
N LEU B 240 18.56 -11.39 -18.91
CA LEU B 240 19.46 -10.27 -18.66
C LEU B 240 20.57 -10.17 -19.69
N VAL B 241 21.14 -11.31 -20.10
CA VAL B 241 22.24 -11.25 -21.06
C VAL B 241 21.72 -10.71 -22.39
N ARG B 242 20.54 -11.15 -22.79
CA ARG B 242 19.96 -10.65 -24.02
C ARG B 242 19.61 -9.16 -23.89
N ALA B 243 19.16 -8.75 -22.70
CA ALA B 243 18.80 -7.34 -22.47
C ALA B 243 20.02 -6.47 -22.69
N CYS B 244 21.19 -7.07 -22.49
CA CYS B 244 22.44 -6.38 -22.65
C CYS B 244 22.97 -6.52 -24.07
N ASP B 245 23.10 -7.76 -24.52
CA ASP B 245 23.77 -8.07 -25.78
C ASP B 245 22.90 -7.78 -27.00
N GLU B 246 21.68 -8.27 -27.00
CA GLU B 246 20.87 -8.11 -28.19
C GLU B 246 20.22 -6.73 -28.17
N GLU B 247 19.32 -6.49 -27.23
CA GLU B 247 18.49 -5.28 -27.29
C GLU B 247 19.23 -4.01 -26.86
N GLY B 248 20.39 -4.16 -26.23
CA GLY B 248 21.18 -3.01 -25.83
C GLY B 248 20.39 -2.19 -24.81
N ARG B 249 19.49 -2.87 -24.12
CA ARG B 249 18.66 -2.26 -23.09
C ARG B 249 19.47 -1.82 -21.84
N ILE B 250 20.45 -2.63 -21.45
CA ILE B 250 21.29 -2.34 -20.28
C ILE B 250 22.76 -2.52 -20.64
N THR B 251 23.64 -1.91 -19.86
CA THR B 251 25.08 -2.18 -19.94
C THR B 251 25.46 -3.44 -19.13
N GLU B 252 26.70 -3.86 -19.31
CA GLU B 252 27.19 -5.04 -18.61
C GLU B 252 27.20 -4.79 -17.13
N ILE B 253 27.61 -3.58 -16.75
CA ILE B 253 27.60 -3.17 -15.37
C ILE B 253 26.19 -3.28 -14.76
N GLU B 254 25.16 -2.94 -15.53
CA GLU B 254 23.77 -2.96 -15.02
C GLU B 254 23.25 -4.40 -14.93
N MET B 255 23.60 -5.21 -15.93
CA MET B 255 23.31 -6.62 -15.95
C MET B 255 23.87 -7.33 -14.74
N HIS B 256 25.14 -7.06 -14.44
CA HIS B 256 25.71 -7.66 -13.26
C HIS B 256 25.07 -7.11 -12.00
N ALA B 257 24.79 -5.82 -11.97
CA ALA B 257 24.23 -5.21 -10.79
C ALA B 257 22.89 -5.85 -10.44
N LEU B 258 22.04 -6.07 -11.44
CA LEU B 258 20.70 -6.58 -11.20
C LEU B 258 20.81 -8.02 -10.71
N ALA B 259 21.76 -8.76 -11.28
CA ALA B 259 21.95 -10.15 -10.88
C ALA B 259 22.39 -10.18 -9.43
N SER B 260 23.24 -9.22 -9.08
CA SER B 260 23.78 -9.16 -7.73
C SER B 260 22.65 -8.83 -6.76
N ASP B 261 21.77 -7.91 -7.16
CA ASP B 261 20.70 -7.50 -6.28
C ASP B 261 19.77 -8.66 -5.96
N LEU B 262 19.39 -9.42 -6.98
CA LEU B 262 18.42 -10.52 -6.80
C LEU B 262 18.99 -11.66 -5.99
N LEU B 263 20.25 -12.01 -6.28
CA LEU B 263 20.88 -13.15 -5.64
C LEU B 263 21.39 -12.78 -4.27
N SER B 264 21.38 -11.51 -3.96
CA SER B 264 21.73 -11.07 -2.62
C SER B 264 20.49 -10.88 -1.74
N ALA B 265 19.47 -10.28 -2.30
CA ALA B 265 18.30 -9.90 -1.53
C ALA B 265 17.32 -11.05 -1.50
N GLY B 266 17.48 -11.98 -2.42
CA GLY B 266 16.41 -12.86 -2.82
C GLY B 266 16.13 -14.15 -2.06
N PHE B 267 16.94 -14.52 -1.07
CA PHE B 267 16.65 -15.77 -0.35
C PHE B 267 16.98 -15.72 1.14
N VAL B 268 17.92 -14.89 1.58
CA VAL B 268 18.30 -14.92 2.98
C VAL B 268 17.17 -14.33 3.86
N SER B 269 16.48 -13.33 3.35
CA SER B 269 15.37 -12.76 4.08
C SER B 269 14.22 -13.74 4.28
N THR B 270 13.78 -14.43 3.22
CA THR B 270 12.72 -15.41 3.30
C THR B 270 13.12 -16.56 4.22
N ALA B 271 14.35 -17.03 4.12
CA ALA B 271 14.85 -18.08 5.04
C ALA B 271 14.71 -17.64 6.49
N HIS B 272 15.20 -16.46 6.83
CA HIS B 272 15.02 -15.95 8.18
C HIS B 272 13.54 -15.94 8.57
N GLN B 273 12.67 -15.50 7.67
CA GLN B 273 11.21 -15.39 7.98
C GLN B 273 10.51 -16.76 8.09
N ILE B 274 10.85 -17.71 7.24
CA ILE B 274 10.32 -19.04 7.43
C ILE B 274 10.52 -19.48 8.87
N ALA B 275 11.72 -19.21 9.38
CA ALA B 275 12.04 -19.68 10.74
C ALA B 275 11.33 -18.83 11.80
N ASN B 276 11.36 -17.50 11.62
CA ASN B 276 10.72 -16.59 12.56
C ASN B 276 9.22 -16.89 12.64
N PHE B 277 8.63 -17.14 11.50
CA PHE B 277 7.20 -17.40 11.46
C PHE B 277 6.78 -18.70 12.11
N THR B 278 7.54 -19.76 11.87
CA THR B 278 7.22 -21.00 12.53
C THR B 278 7.41 -20.88 14.05
N ALA B 279 8.51 -20.25 14.48
CA ALA B 279 8.79 -20.14 15.90
C ALA B 279 7.69 -19.32 16.62
N MET B 280 7.28 -18.21 16.00
CA MET B 280 6.13 -17.46 16.50
C MET B 280 4.95 -18.36 16.65
N LEU B 281 4.62 -19.14 15.63
CA LEU B 281 3.44 -20.01 15.72
C LEU B 281 3.58 -21.10 16.82
N LEU B 282 4.74 -21.74 16.90
CA LEU B 282 4.89 -22.86 17.84
C LEU B 282 4.93 -22.41 19.29
N ALA B 283 5.14 -21.12 19.51
CA ALA B 283 5.18 -20.59 20.86
C ALA B 283 3.76 -20.35 21.41
N ARG B 284 2.76 -20.62 20.58
CA ARG B 284 1.37 -20.41 20.97
C ARG B 284 0.76 -21.70 21.44
N PRO B 285 -0.09 -21.62 22.47
CA PRO B 285 -0.71 -22.82 23.05
C PRO B 285 -1.23 -23.78 21.98
N GLU B 286 -1.93 -23.21 21.01
CA GLU B 286 -2.57 -24.00 19.96
C GLU B 286 -1.65 -24.28 18.78
N ARG B 287 -0.43 -23.74 18.82
CA ARG B 287 0.55 -23.95 17.75
C ARG B 287 -0.05 -23.78 16.36
N LEU B 288 -0.06 -24.83 15.53
CA LEU B 288 -0.52 -24.70 14.14
C LEU B 288 -2.02 -24.97 14.00
N GLN B 289 -2.65 -25.47 15.06
CA GLN B 289 -4.01 -25.98 14.92
C GLN B 289 -5.03 -24.98 14.37
N PRO B 290 -4.88 -23.67 14.63
CA PRO B 290 -5.86 -22.78 14.01
C PRO B 290 -5.79 -22.86 12.47
N LEU B 291 -4.58 -22.91 11.95
CA LEU B 291 -4.34 -22.90 10.51
C LEU B 291 -4.53 -24.29 9.93
N VAL B 292 -4.47 -25.32 10.78
CA VAL B 292 -4.83 -26.66 10.35
C VAL B 292 -6.33 -26.65 10.09
N ASP B 293 -7.07 -26.13 11.07
CA ASP B 293 -8.54 -26.08 11.00
C ASP B 293 -9.13 -25.19 9.91
N LYS B 294 -8.47 -24.06 9.70
CA LYS B 294 -8.96 -23.02 8.80
C LYS B 294 -7.87 -22.66 7.80
N PRO B 295 -7.56 -23.58 6.88
CA PRO B 295 -6.43 -23.33 5.98
C PRO B 295 -6.60 -22.08 5.14
N GLU B 296 -7.85 -21.64 5.01
CA GLU B 296 -8.16 -20.46 4.20
C GLU B 296 -7.60 -19.18 4.89
N GLN B 297 -7.20 -19.28 6.14
CA GLN B 297 -6.65 -18.12 6.87
C GLN B 297 -5.15 -18.01 6.80
N ILE B 298 -4.50 -18.90 6.07
CA ILE B 298 -3.03 -18.83 5.96
C ILE B 298 -2.49 -17.52 5.35
N PRO B 299 -2.97 -17.09 4.14
CA PRO B 299 -2.59 -15.75 3.64
C PRO B 299 -2.70 -14.65 4.70
N ALA B 300 -3.80 -14.56 5.44
CA ALA B 300 -3.95 -13.49 6.45
C ALA B 300 -2.89 -13.65 7.53
N ALA B 301 -2.64 -14.90 7.90
CA ALA B 301 -1.65 -15.20 8.89
C ALA B 301 -0.26 -14.72 8.43
N VAL B 302 0.03 -14.89 7.13
CA VAL B 302 1.32 -14.53 6.58
C VAL B 302 1.45 -13.03 6.70
N GLU B 303 0.39 -12.30 6.36
CA GLU B 303 0.41 -10.86 6.51
C GLU B 303 0.55 -10.38 7.97
N GLU B 304 -0.16 -11.01 8.91
CA GLU B 304 -0.01 -10.55 10.30
C GLU B 304 1.43 -10.76 10.79
N LEU B 305 1.99 -11.92 10.49
CA LEU B 305 3.36 -12.20 10.89
C LEU B 305 4.36 -11.22 10.23
N MET B 306 4.18 -10.91 8.94
CA MET B 306 4.95 -9.86 8.27
C MET B 306 4.91 -8.54 9.04
N ARG B 307 3.72 -8.18 9.50
CA ARG B 307 3.56 -6.98 10.32
C ARG B 307 4.25 -7.12 11.66
N HIS B 308 4.07 -8.26 12.32
CA HIS B 308 4.47 -8.36 13.73
C HIS B 308 5.98 -8.66 13.94
N VAL B 309 6.58 -9.52 13.12
CA VAL B 309 7.98 -9.87 13.31
C VAL B 309 8.90 -8.65 13.06
N PRO B 310 9.74 -8.26 14.06
CA PRO B 310 10.78 -7.27 13.76
C PRO B 310 11.96 -7.93 13.08
N ILE B 311 11.98 -8.00 11.76
CA ILE B 311 13.00 -8.78 11.07
C ILE B 311 14.38 -8.22 11.25
N LEU B 312 14.50 -6.92 11.37
CA LEU B 312 15.80 -6.30 11.47
C LEU B 312 16.22 -5.91 12.89
N SER B 313 17.44 -6.25 13.25
CA SER B 313 18.02 -5.67 14.46
C SER B 313 18.77 -4.39 14.06
N GLY B 314 19.02 -4.22 12.76
CA GLY B 314 19.55 -2.95 12.25
C GLY B 314 18.50 -2.00 11.69
N PHE B 315 18.73 -1.58 10.46
CA PHE B 315 17.81 -0.77 9.67
C PHE B 315 18.35 -0.72 8.26
N SER B 316 17.46 -0.43 7.34
CA SER B 316 17.78 -0.46 5.95
C SER B 316 18.46 0.85 5.53
N PHE B 317 18.26 1.27 4.30
CA PHE B 317 18.89 2.47 3.86
C PHE B 317 18.26 3.71 4.45
N PRO B 318 19.09 4.63 4.94
CA PRO B 318 18.57 5.94 5.24
C PRO B 318 18.16 6.63 3.96
N ARG B 319 17.26 7.60 4.08
CA ARG B 319 16.93 8.46 2.94
C ARG B 319 17.30 9.87 3.33
N TYR B 320 17.45 10.76 2.36
CA TYR B 320 17.88 12.11 2.64
C TYR B 320 16.91 13.14 2.07
N ALA B 321 16.64 14.20 2.81
CA ALA B 321 15.75 15.26 2.31
C ALA B 321 16.39 16.01 1.15
N THR B 322 15.66 16.09 0.03
CA THR B 322 16.07 16.84 -1.16
C THR B 322 15.74 18.35 -1.00
N GLU B 323 15.01 18.67 0.07
CA GLU B 323 14.59 20.01 0.43
C GLU B 323 14.10 19.99 1.87
N ASP B 324 14.01 21.16 2.49
CA ASP B 324 13.49 21.29 3.83
C ASP B 324 12.05 20.81 3.83
N LEU B 325 11.67 20.11 4.90
CA LEU B 325 10.31 19.58 5.04
C LEU B 325 10.01 19.31 6.50
N GLU B 326 8.73 19.26 6.86
CA GLU B 326 8.31 19.01 8.22
C GLU B 326 7.87 17.53 8.47
N MET B 327 8.30 16.98 9.59
CA MET B 327 7.98 15.64 9.96
C MET B 327 7.96 15.53 11.50
N SER B 328 6.79 15.18 12.01
CA SER B 328 6.55 15.00 13.44
C SER B 328 7.18 16.10 14.30
N GLY B 329 6.86 17.34 13.94
CA GLY B 329 7.17 18.47 14.78
C GLY B 329 8.56 19.03 14.54
N VAL B 330 9.24 18.53 13.52
CA VAL B 330 10.62 18.92 13.25
C VAL B 330 10.83 19.31 11.80
N THR B 331 11.63 20.33 11.60
CA THR B 331 12.00 20.76 10.26
C THR B 331 13.25 20.00 9.85
N VAL B 332 13.07 19.04 8.96
CA VAL B 332 14.19 18.28 8.44
C VAL B 332 14.84 19.02 7.27
N ARG B 333 16.12 19.37 7.43
CA ARG B 333 16.80 20.19 6.45
C ARG B 333 17.28 19.37 5.26
N ARG B 334 17.33 20.04 4.12
CA ARG B 334 17.88 19.50 2.91
C ARG B 334 19.17 18.78 3.22
N GLY B 335 19.27 17.53 2.76
CA GLY B 335 20.49 16.75 2.96
C GLY B 335 20.53 15.91 4.24
N GLU B 336 19.70 16.23 5.23
CA GLU B 336 19.70 15.40 6.43
C GLU B 336 19.01 14.03 6.22
N ALA B 337 19.54 13.04 6.94
CA ALA B 337 19.16 11.64 6.84
C ALA B 337 18.02 11.27 7.77
N VAL B 338 17.04 10.54 7.25
CA VAL B 338 15.97 9.99 8.08
C VAL B 338 15.90 8.49 7.86
N ILE B 339 15.99 7.72 8.94
CA ILE B 339 15.91 6.26 8.87
C ILE B 339 14.46 5.74 8.94
N PRO B 340 14.06 4.95 7.93
CA PRO B 340 12.70 4.35 7.98
C PRO B 340 12.63 3.08 8.84
N VAL B 341 12.14 3.17 10.08
CA VAL B 341 12.09 2.01 10.98
C VAL B 341 10.79 1.28 10.78
N ILE B 342 10.85 0.30 9.90
CA ILE B 342 9.63 -0.27 9.43
C ILE B 342 8.98 -1.10 10.54
N ALA B 343 9.77 -1.67 11.44
CA ALA B 343 9.17 -2.48 12.52
C ALA B 343 8.36 -1.58 13.51
N ALA B 344 8.74 -0.32 13.63
CA ALA B 344 8.02 0.61 14.52
C ALA B 344 6.74 1.06 13.84
N ALA B 345 6.86 1.35 12.55
CA ALA B 345 5.67 1.61 11.73
C ALA B 345 4.64 0.53 11.88
N ASN B 346 5.09 -0.73 11.80
CA ASN B 346 4.13 -1.84 11.81
C ASN B 346 3.54 -2.06 13.20
N ARG B 347 3.97 -1.28 14.21
CA ARG B 347 3.32 -1.30 15.52
C ARG B 347 2.79 0.07 15.94
N ASP B 348 2.50 0.91 14.96
CA ASP B 348 2.00 2.27 15.27
C ASP B 348 0.69 2.15 16.09
N PRO B 349 0.65 2.79 17.27
CA PRO B 349 -0.48 2.54 18.18
C PRO B 349 -1.78 3.03 17.62
N ASP B 350 -1.69 4.00 16.71
CA ASP B 350 -2.89 4.62 16.19
C ASP B 350 -3.41 3.87 14.99
N VAL B 351 -2.51 3.23 14.25
CA VAL B 351 -2.93 2.43 13.11
C VAL B 351 -3.41 1.04 13.56
N TYR B 352 -2.69 0.47 14.51
CA TYR B 352 -2.92 -0.91 14.92
C TYR B 352 -3.25 -1.01 16.43
N PRO B 353 -4.52 -1.10 16.80
CA PRO B 353 -4.81 -1.24 18.23
C PRO B 353 -4.19 -2.53 18.77
N ASP B 354 -3.63 -2.47 19.98
CA ASP B 354 -3.06 -3.65 20.61
C ASP B 354 -2.00 -4.19 19.67
N ALA B 355 -1.08 -3.31 19.27
CA ALA B 355 -0.11 -3.61 18.21
C ALA B 355 0.79 -4.80 18.50
N GLY B 356 1.12 -4.99 19.79
CA GLY B 356 2.01 -6.06 20.23
C GLY B 356 1.37 -7.44 20.18
N ARG B 357 0.05 -7.49 20.02
CA ARG B 357 -0.62 -8.78 19.95
C ARG B 357 -0.55 -9.32 18.52
N LEU B 358 -0.10 -10.57 18.41
CA LEU B 358 -0.21 -11.33 17.21
C LEU B 358 -1.63 -11.91 17.11
N ASP B 359 -2.37 -11.31 16.21
CA ASP B 359 -3.75 -11.67 15.92
C ASP B 359 -3.81 -12.11 14.46
N LEU B 360 -3.96 -13.40 14.20
CA LEU B 360 -3.80 -13.87 12.83
C LEU B 360 -5.01 -13.53 12.01
N GLU B 361 -6.03 -13.01 12.66
CA GLU B 361 -7.23 -12.58 11.98
C GLU B 361 -7.28 -11.05 11.89
N ARG B 362 -6.24 -10.38 12.37
CA ARG B 362 -6.25 -8.93 12.41
C ARG B 362 -6.67 -8.35 11.07
N ASN B 363 -6.09 -8.85 9.98
CA ASN B 363 -6.39 -8.28 8.66
C ASN B 363 -6.18 -6.76 8.73
N GLY B 364 -5.10 -6.37 9.39
CA GLY B 364 -4.85 -4.98 9.73
C GLY B 364 -4.71 -4.15 8.48
N LEU B 365 -4.70 -2.82 8.65
CA LEU B 365 -4.23 -1.91 7.60
C LEU B 365 -2.87 -2.32 7.07
N PRO B 366 -2.56 -1.91 5.83
CA PRO B 366 -1.44 -2.49 5.08
C PRO B 366 -0.09 -2.26 5.70
N HIS B 367 0.60 -3.32 6.10
CA HIS B 367 1.88 -3.17 6.78
C HIS B 367 2.95 -2.71 5.84
N LEU B 368 4.10 -2.33 6.40
CA LEU B 368 5.21 -1.74 5.64
C LEU B 368 6.37 -2.74 5.61
N GLY B 369 6.04 -4.01 5.87
CA GLY B 369 7.06 -5.04 5.98
C GLY B 369 7.77 -5.34 4.68
N PHE B 370 7.19 -4.97 3.54
CA PHE B 370 7.86 -5.07 2.23
C PHE B 370 8.30 -3.71 1.73
N GLY B 371 8.20 -2.73 2.62
CA GLY B 371 8.49 -1.36 2.32
C GLY B 371 7.35 -0.65 1.63
N GLN B 372 7.73 0.35 0.83
CA GLN B 372 6.78 1.26 0.17
C GLN B 372 7.50 2.19 -0.85
N GLY B 373 6.77 2.69 -1.85
CA GLY B 373 7.35 3.62 -2.80
C GLY B 373 8.23 2.85 -3.77
N PRO B 374 9.24 3.51 -4.34
CA PRO B 374 10.02 2.91 -5.42
C PRO B 374 10.69 1.59 -5.13
N HIS B 375 11.33 1.50 -3.96
CA HIS B 375 12.07 0.36 -3.52
C HIS B 375 11.23 -0.73 -2.83
N PHE B 376 9.90 -0.57 -2.76
CA PHE B 376 9.01 -1.66 -2.35
C PHE B 376 9.49 -3.02 -2.92
N CYS B 377 9.70 -3.99 -2.04
CA CYS B 377 10.29 -5.29 -2.42
C CYS B 377 9.80 -5.83 -3.76
N ILE B 378 10.70 -5.88 -4.74
CA ILE B 378 10.36 -6.45 -6.03
C ILE B 378 9.94 -7.93 -5.91
N GLY B 379 10.41 -8.63 -4.87
CA GLY B 379 10.00 -10.01 -4.66
C GLY B 379 8.80 -10.22 -3.73
N ALA B 380 8.03 -9.16 -3.42
CA ALA B 380 7.03 -9.27 -2.34
C ALA B 380 6.01 -10.38 -2.61
N HIS B 381 5.53 -10.52 -3.82
CA HIS B 381 4.57 -11.58 -4.10
C HIS B 381 5.22 -13.00 -3.97
N LEU B 382 6.44 -13.14 -4.48
CA LEU B 382 7.18 -14.38 -4.40
C LEU B 382 7.41 -14.76 -2.94
N ALA B 383 7.81 -13.81 -2.10
CA ALA B 383 7.88 -14.06 -0.65
C ALA B 383 6.55 -14.53 -0.04
N ARG B 384 5.47 -13.89 -0.46
CA ARG B 384 4.15 -14.25 0.06
C ARG B 384 3.83 -15.69 -0.39
N VAL B 385 4.14 -16.01 -1.64
CA VAL B 385 3.93 -17.38 -2.11
C VAL B 385 4.77 -18.38 -1.34
N GLU B 386 6.07 -18.12 -1.21
CA GLU B 386 6.94 -18.97 -0.43
C GLU B 386 6.43 -19.15 1.03
N LEU B 387 5.91 -18.10 1.66
CA LEU B 387 5.51 -18.20 3.06
C LEU B 387 4.16 -18.87 3.16
N GLN B 388 3.25 -18.60 2.23
CA GLN B 388 1.98 -19.30 2.24
C GLN B 388 2.23 -20.80 2.03
N VAL B 389 3.13 -21.14 1.12
CA VAL B 389 3.35 -22.54 0.77
C VAL B 389 4.00 -23.26 1.95
N VAL B 390 4.95 -22.63 2.63
CA VAL B 390 5.58 -23.27 3.78
C VAL B 390 4.50 -23.60 4.82
N LEU B 391 3.63 -22.63 5.14
CA LEU B 391 2.59 -22.89 6.14
C LEU B 391 1.55 -23.92 5.72
N GLU B 392 1.22 -23.96 4.44
CA GLU B 392 0.34 -24.99 3.92
C GLU B 392 0.91 -26.41 4.17
N ALA B 393 2.14 -26.58 3.71
CA ALA B 393 2.83 -27.85 3.81
C ALA B 393 3.06 -28.31 5.24
N LEU B 394 3.36 -27.39 6.17
CA LEU B 394 3.58 -27.76 7.57
C LEU B 394 2.25 -28.16 8.23
N THR B 395 1.19 -27.45 7.90
CA THR B 395 -0.10 -27.71 8.55
C THR B 395 -0.64 -29.05 8.06
N GLU B 396 -0.46 -29.31 6.77
CA GLU B 396 -0.98 -30.52 6.15
C GLU B 396 -0.12 -31.75 6.54
N ARG B 397 1.17 -31.56 6.76
CA ARG B 397 2.07 -32.71 6.93
C ARG B 397 2.46 -32.93 8.37
N PHE B 398 2.51 -31.84 9.13
CA PHE B 398 2.92 -31.88 10.53
C PHE B 398 2.00 -31.04 11.42
N PRO B 399 0.71 -31.33 11.37
CA PRO B 399 -0.29 -30.57 12.13
C PRO B 399 0.02 -30.51 13.63
N ASP B 400 0.76 -31.48 14.18
CA ASP B 400 1.07 -31.43 15.60
C ASP B 400 2.52 -30.99 15.80
N LEU B 401 3.05 -30.24 14.83
CA LEU B 401 4.40 -29.70 14.94
C LEU B 401 4.57 -28.95 16.26
N ARG B 402 5.72 -29.15 16.87
CA ARG B 402 6.10 -28.40 18.07
C ARG B 402 7.60 -28.18 18.17
N PHE B 403 7.99 -27.35 19.12
CA PHE B 403 9.38 -27.13 19.41
C PHE B 403 9.96 -28.46 19.85
N GLY B 404 11.20 -28.73 19.42
CA GLY B 404 11.91 -29.97 19.70
C GLY B 404 12.90 -29.78 20.83
N ILE B 405 12.94 -28.56 21.37
CA ILE B 405 13.74 -28.23 22.55
C ILE B 405 12.91 -27.24 23.36
N PRO B 406 13.32 -26.99 24.61
CA PRO B 406 12.65 -25.95 25.40
C PRO B 406 12.82 -24.59 24.75
N GLU B 407 11.70 -23.89 24.57
CA GLU B 407 11.66 -22.57 23.96
C GLU B 407 12.77 -21.67 24.50
N ASN B 408 13.13 -21.92 25.75
CA ASN B 408 14.12 -21.13 26.47
C ASN B 408 15.53 -21.39 26.00
N ALA B 409 15.70 -22.52 25.31
CA ALA B 409 17.00 -22.91 24.78
C ALA B 409 17.22 -22.51 23.32
N LEU B 410 16.23 -21.93 22.66
CA LEU B 410 16.38 -21.54 21.25
C LEU B 410 17.54 -20.56 21.08
N LYS B 411 18.36 -20.79 20.06
CA LYS B 411 19.56 -19.98 19.80
C LYS B 411 19.27 -18.84 18.83
N TRP B 412 18.72 -17.74 19.36
CA TRP B 412 18.40 -16.62 18.51
C TRP B 412 19.72 -16.00 18.09
N LYS B 413 19.77 -15.42 16.90
CA LYS B 413 20.93 -14.64 16.46
C LYS B 413 21.05 -13.44 17.39
N ARG B 414 22.25 -13.19 17.88
CA ARG B 414 22.46 -12.19 18.91
C ARG B 414 22.94 -10.82 18.35
N GLY B 415 24.05 -10.79 17.64
CA GLY B 415 24.62 -9.49 17.25
C GLY B 415 24.22 -8.97 15.88
N HIS B 416 23.31 -9.66 15.20
CA HIS B 416 23.22 -9.63 13.73
C HIS B 416 22.26 -8.60 13.11
N PHE B 417 22.55 -8.22 11.87
CA PHE B 417 21.71 -7.31 11.11
C PHE B 417 20.24 -7.73 11.10
N MET B 418 20.03 -9.01 10.88
CA MET B 418 18.71 -9.60 10.83
C MET B 418 18.48 -10.49 12.03
N ASN B 419 17.31 -10.35 12.64
CA ASN B 419 16.87 -11.28 13.66
C ASN B 419 16.42 -12.61 13.07
N GLY B 420 16.79 -13.66 13.80
CA GLY B 420 16.35 -15.00 13.48
C GLY B 420 16.98 -16.06 14.35
N LEU B 421 16.87 -17.30 13.91
CA LEU B 421 17.40 -18.45 14.60
C LEU B 421 18.59 -19.09 13.91
N HIS B 422 19.61 -19.43 14.70
CA HIS B 422 20.71 -20.26 14.21
C HIS B 422 20.20 -21.65 13.86
N GLU B 423 19.32 -22.16 14.70
CA GLU B 423 18.69 -23.45 14.49
C GLU B 423 17.29 -23.39 15.00
N LEU B 424 16.40 -24.21 14.44
CA LEU B 424 15.01 -24.35 14.88
C LEU B 424 14.66 -25.83 14.92
N PRO B 425 15.01 -26.51 16.02
CA PRO B 425 14.64 -27.91 16.21
C PRO B 425 13.15 -28.05 16.35
N VAL B 426 12.56 -28.86 15.50
CA VAL B 426 11.14 -29.13 15.60
C VAL B 426 10.86 -30.61 15.81
N ALA B 427 9.77 -30.90 16.50
CA ALA B 427 9.37 -32.29 16.71
C ALA B 427 7.94 -32.56 16.26
N TRP B 428 7.75 -33.79 15.84
CA TRP B 428 6.49 -34.34 15.33
C TRP B 428 6.56 -35.84 15.63
CHA HEM C . -8.34 11.45 -3.53
CHB HEM C . -11.16 7.54 -2.86
CHC HEM C . -13.08 9.79 1.02
CHD HEM C . -10.43 13.76 0.25
C1A HEM C . -8.88 10.17 -3.65
C2A HEM C . -8.45 9.16 -4.59
C3A HEM C . -9.23 8.07 -4.42
C4A HEM C . -10.17 8.36 -3.35
CMA HEM C . -9.13 6.72 -5.15
CAA HEM C . -7.29 9.29 -5.61
CBA HEM C . -7.84 9.37 -7.03
CGA HEM C . -6.73 9.45 -8.05
O1A HEM C . -5.52 9.29 -7.68
O2A HEM C . -7.02 9.70 -9.27
C1B HEM C . -11.97 7.85 -1.77
C2B HEM C . -13.04 7.04 -1.26
C3B HEM C . -13.58 7.69 -0.18
C4B HEM C . -12.85 8.90 0.01
CMB HEM C . -13.46 5.72 -1.90
CAB HEM C . -14.75 7.29 0.72
CBB HEM C . -15.18 6.04 0.78
C1C HEM C . -12.46 11.00 1.23
C2C HEM C . -12.63 11.84 2.38
C3C HEM C . -11.90 12.96 2.23
C4C HEM C . -11.26 12.87 0.91
CMC HEM C . -13.51 11.43 3.59
CAC HEM C . -11.87 14.06 3.32
CBC HEM C . -10.95 15.02 3.36
C1D HEM C . -9.63 13.51 -0.87
C2D HEM C . -8.69 14.47 -1.44
C3D HEM C . -8.03 13.78 -2.62
C4D HEM C . -8.64 12.45 -2.65
CMD HEM C . -8.42 15.90 -0.95
CAD HEM C . -6.92 14.35 -3.52
CBD HEM C . -5.61 14.09 -2.78
CGD HEM C . -4.41 14.40 -3.65
O1D HEM C . -3.29 14.58 -3.10
O2D HEM C . -4.56 14.50 -4.89
NA HEM C . -9.96 9.64 -2.91
NB HEM C . -11.87 8.98 -0.98
NC HEM C . -11.62 11.65 0.35
ND HEM C . -9.57 12.35 -1.60
FE HEM C . -10.65 10.58 -1.21
HHB HEM C . -11.45 6.81 -3.44
HHC HEM C . -13.77 9.55 1.68
HHD HEM C . -10.39 14.67 0.62
HMA HEM C . -9.83 6.11 -4.81
HMAA HEM C . -8.26 6.31 -5.00
HMAB HEM C . -9.27 6.86 -6.11
HAA HEM C . -6.70 8.53 -5.54
HAAA HEM C . -6.79 10.11 -5.42
HBA HEM C . -8.40 10.17 -7.12
HBAA HEM C . -8.38 8.58 -7.21
HMB HEM C . -13.74 5.88 -2.82
HMBA HEM C . -14.20 5.34 -1.42
HMBB HEM C . -12.71 5.11 -1.90
HAB HEM C . -15.18 7.96 1.26
HBB HEM C . -15.93 5.81 1.36
HBBA HEM C . -14.76 5.36 0.24
HMC HEM C . -13.48 12.13 4.26
HMCA HEM C . -13.16 10.61 3.98
HMCB HEM C . -14.42 11.29 3.30
HAC HEM C . -12.56 14.06 3.98
HBC HEM C . -10.99 15.69 4.05
HBCA HEM C . -10.26 15.05 2.68
HMD HEM C . -7.74 16.32 -1.51
HMDA HEM C . -8.10 15.86 -0.01
HMDB HEM C . -9.25 16.42 -0.98
HAD HEM C . -7.05 15.31 -3.65
HADA HEM C . -6.91 13.91 -4.38
HBD HEM C . -5.59 13.16 -2.51
HBDA HEM C . -5.59 14.66 -1.99
HHA HEM C . -7.64 11.67 -4.18
C12 F7Z D . -13.46 15.02 -7.18
C13 F7Z D . -13.98 8.53 -5.11
C14 F7Z D . -15.04 7.43 -5.16
C16 F7Z D . -12.73 15.83 -9.48
C19 F7Z D . -12.21 19.23 -6.43
C20 F7Z D . -11.50 17.99 -6.06
C22 F7Z D . -11.96 21.87 -8.24
C23 F7Z D . -11.99 21.65 -6.75
C1 F7Z D . -13.94 9.44 -6.33
C2 F7Z D . -13.01 9.03 -7.50
C3 F7Z D . -12.48 10.34 -8.10
C4 F7Z D . -13.25 11.42 -7.37
C5 F7Z D . -13.47 10.85 -5.96
C6 F7Z D . -12.53 12.77 -7.36
C7 F7Z D . -13.11 13.78 -6.34
C11 F7Z D . -12.44 14.91 -8.34
C9 F7Z D . -14.37 11.80 -5.29
C25 F7Z D . -10.53 21.96 -8.76
C8 F7Z D . -14.17 13.20 -5.52
C10 F7Z D . -12.63 13.45 -8.73
C15 F7Z D . -11.89 8.06 -7.14
C17 F7Z D . -13.40 16.34 -6.41
O18 F7Z D . -13.39 19.27 -6.84
C21 F7Z D . -12.00 16.77 -6.05
N24 F7Z D . -11.48 20.35 -6.34
O26 F7Z D . -13.28 17.82 -11.51
C27 F7Z D . -12.33 18.03 -10.63
C28 F7Z D . -12.13 16.99 -9.64
C29 F7Z D . -12.06 20.37 -11.48
C30 F7Z D . -11.65 19.23 -10.64
N31 F7Z D . -11.33 21.42 -11.08
C32 F7Z D . -10.36 21.14 -10.05
C33 F7Z D . -10.55 19.63 -9.83
O34 F7Z D . -12.92 20.39 -12.37
O35 F7Z D . -9.87 18.98 -9.06
O36 F7Z D . -13.81 12.63 -4.28
HC12 F7Z D . -14.46 14.91 -7.58
H13A F7Z D . -14.18 9.13 -4.21
H13B F7Z D . -13.00 8.09 -4.93
H14A F7Z D . -15.92 7.67 -4.57
H14B F7Z D . -14.67 6.48 -4.76
H14C F7Z D . -15.38 7.25 -6.16
HC16 F7Z D . -13.49 15.48 -10.19
HC20 F7Z D . -10.45 18.12 -5.77
H22B F7Z D . -12.55 21.11 -8.76
H22A F7Z D . -12.48 22.80 -8.45
H23B F7Z D . -12.99 21.81 -6.37
H23A F7Z D . -11.39 22.41 -6.26
HC1 F7Z D . -14.95 9.50 -6.72
HC2 F7Z D . -13.62 8.53 -8.25
HC3B F7Z D . -11.40 10.45 -7.94
HC3A F7Z D . -12.61 10.38 -9.17
HC4 F7Z D . -14.21 11.54 -7.88
HC5 F7Z D . -12.55 10.81 -5.39
HC6 F7Z D . -11.48 12.59 -7.13
HC7 F7Z D . -12.31 14.03 -5.63
HC11 F7Z D . -11.42 15.08 -8.02
HC9 F7Z D . -15.34 11.38 -5.05
H25B F7Z D . -10.21 22.98 -8.93
H25A F7Z D . -9.86 21.58 -8.00
HC8 F7Z D . -15.02 13.89 -5.45
H10B F7Z D . -11.87 13.10 -9.41
H10A F7Z D . -13.58 13.26 -9.22
H15C F7Z D . -11.22 8.45 -6.39
H15A F7Z D . -11.28 7.81 -8.02
H15B F7Z D . -12.27 7.10 -6.78
H17B F7Z D . -13.84 17.14 -7.00
H17A F7Z D . -14.03 16.26 -5.53
HC21 F7Z D . -11.36 15.94 -5.74
HN24 F7Z D . -10.52 20.31 -5.98
HO26 F7Z D . -13.74 16.94 -11.38
HC28 F7Z D . -11.33 17.26 -8.94
HN31 F7Z D . -11.42 22.36 -11.45
HC32 F7Z D . -9.36 21.32 -10.46
C FMT E . -9.11 -0.42 11.64
O1 FMT E . -9.01 0.80 11.91
O2 FMT E . -8.22 -1.06 11.03
H FMT E . -10.00 -0.96 11.93
C FMT F . 0.36 4.38 -0.69
O1 FMT F . 0.73 4.47 -1.90
O2 FMT F . -0.67 3.75 -0.27
H FMT F . 0.99 4.89 0.03
C FMT G . -1.88 13.71 4.50
O1 FMT G . -0.97 13.68 3.64
O2 FMT G . -1.87 13.03 5.57
H FMT G . -2.72 14.37 4.31
C FMT H . -18.87 -15.97 1.90
O1 FMT H . -18.39 -15.08 1.19
O2 FMT H . -18.75 -15.97 3.14
H FMT H . -19.41 -16.77 1.41
C FMT I . -14.38 -17.40 11.31
O1 FMT I . -15.37 -16.66 11.40
O2 FMT I . -13.25 -17.04 11.65
H FMT I . -14.49 -18.41 10.91
HO2 FMT I . -13.11 -16.14 12.01
C FMT J . -8.91 33.20 -5.87
O1 FMT J . -8.73 33.82 -4.80
O2 FMT J . -9.42 32.07 -5.91
H FMT J . -8.62 33.65 -6.81
HO2 FMT J . -9.71 31.62 -5.10
CHA HEM K . 13.67 -4.71 -1.21
CHB HEM K . 11.65 -7.02 2.50
CHC HEM K . 11.95 -11.18 0.03
CHD HEM K . 14.33 -8.99 -3.56
C1A HEM K . 13.06 -4.92 -0.01
C2A HEM K . 12.69 -3.92 0.98
C3A HEM K . 12.12 -4.57 2.01
C4A HEM K . 12.11 -5.99 1.70
CMA HEM K . 11.56 -3.91 3.30
CAA HEM K . 12.88 -2.39 0.93
CBA HEM K . 14.05 -1.88 1.79
CGA HEM K . 14.14 -0.37 1.68
O1A HEM K . 13.31 0.26 0.96
O2A HEM K . 15.04 0.26 2.30
C1B HEM K . 11.60 -8.37 2.20
C2B HEM K . 11.18 -9.46 3.09
C3B HEM K . 11.28 -10.61 2.37
C4B HEM K . 11.75 -10.28 1.04
CMB HEM K . 10.73 -9.29 4.56
CAB HEM K . 10.96 -12.07 2.75
CBB HEM K . 10.03 -12.37 3.68
C1C HEM K . 12.53 -10.95 -1.20
C2C HEM K . 12.59 -11.87 -2.33
C3C HEM K . 13.25 -11.25 -3.33
C4C HEM K . 13.61 -9.92 -2.85
CMC HEM K . 12.02 -13.29 -2.30
CAC HEM K . 13.65 -11.71 -4.73
CBC HEM K . 13.59 -12.98 -5.15
C1D HEM K . 14.40 -7.64 -3.23
C2D HEM K . 15.02 -6.62 -4.02
C3D HEM K . 14.83 -5.31 -3.31
C4D HEM K . 14.08 -5.64 -2.14
CMD HEM K . 15.78 -6.77 -5.34
CAD HEM K . 15.31 -3.91 -3.80
CBD HEM K . 14.15 -3.39 -4.65
CGD HEM K . 14.43 -1.97 -5.10
O1D HEM K . 13.86 -1.51 -6.12
O2D HEM K . 15.25 -1.27 -4.45
NA HEM K . 12.70 -6.16 0.45
NB HEM K . 11.95 -8.91 0.98
NC HEM K . 13.16 -9.78 -1.56
ND HEM K . 13.87 -7.02 -2.14
FE HEM K . 12.80 -7.91 -0.63
HHB HEM K . 11.32 -6.75 3.39
HHC HEM K . 11.65 -12.10 0.20
HHD HEM K . 14.68 -9.26 -4.43
HMA HEM K . 12.29 -3.44 3.76
HMAA HEM K . 11.20 -4.61 3.89
HMAB HEM K . 10.86 -3.27 3.07
HAA HEM K . 12.06 -1.96 1.22
HAAA HEM K . 13.05 -2.14 0.00
HBA HEM K . 14.87 -2.28 1.49
HBAA HEM K . 13.88 -2.12 2.72
HMB HEM K . 11.45 -8.89 5.07
HMBA HEM K . 10.50 -10.15 4.94
HMBB HEM K . 9.95 -8.70 4.60
HAB HEM K . 11.44 -12.79 2.32
HBB HEM K . 9.85 -13.29 3.90
HBBA HEM K . 9.54 -11.66 4.11
HMC HEM K . 12.17 -13.72 -3.16
HMCA HEM K . 11.06 -13.24 -2.14
HMCB HEM K . 12.44 -13.80 -1.60
HAC HEM K . 13.97 -11.06 -5.35
HBC HEM K . 13.85 -13.20 -6.05
HBCA HEM K . 13.26 -13.67 -4.55
HMD HEM K . 16.10 -5.90 -5.65
HMDA HEM K . 15.19 -7.17 -6.02
HMDB HEM K . 16.55 -7.36 -5.20
HAD HEM K . 16.11 -4.00 -4.33
HADA HEM K . 15.46 -3.32 -3.04
HBD HEM K . 13.32 -3.41 -4.13
HBDA HEM K . 14.04 -3.96 -5.43
HHA HEM K . 13.85 -3.77 -1.45
C12 F7Z L . 20.42 -6.35 0.98
C13 F7Z L . 14.67 -7.60 4.32
C14 F7Z L . 14.48 -8.73 5.25
C16 F7Z L . 21.96 -4.33 1.20
C19 F7Z L . 22.77 -6.33 -2.79
C20 F7Z L . 21.38 -5.88 -2.60
C22 F7Z L . 25.59 -5.04 -3.69
C23 F7Z L . 24.73 -6.16 -4.26
C1 F7Z L . 16.01 -6.85 4.47
C2 F7Z L . 15.95 -5.37 4.89
C3 F7Z L . 16.95 -4.63 3.97
C4 F7Z L . 17.75 -5.73 3.31
C5 F7Z L . 16.70 -6.85 3.10
C6 F7Z L . 18.48 -5.32 2.03
C7 F7Z L . 18.92 -6.55 1.17
C11 F7Z L . 20.55 -4.81 1.08
C9 F7Z L . 17.36 -8.10 2.68
C25 F7Z L . 25.23 -3.70 -4.32
C8 F7Z L . 18.47 -7.78 1.83
C10 F7Z L . 19.76 -4.56 2.37
C15 F7Z L . 14.59 -4.71 4.83
C17 F7Z L . 21.05 -6.91 -0.30
O18 F7Z L . 23.41 -6.93 -1.92
C21 F7Z L . 20.65 -6.13 -1.52
N24 F7Z L . 23.31 -5.98 -3.96
O26 F7Z L . 24.70 -3.39 1.27
C27 F7Z L . 24.03 -3.42 0.14
C28 F7Z L . 22.67 -3.93 0.18
C29 F7Z L . 26.09 -2.79 -1.12
C30 F7Z L . 24.65 -3.00 -1.00
N31 F7Z L . 26.33 -2.52 -2.41
C32 F7Z L . 25.18 -2.56 -3.30
C33 F7Z L . 24.05 -2.77 -2.29
O34 F7Z L . 26.94 -2.86 -0.22
O35 F7Z L . 22.88 -2.85 -2.64
O36 F7Z L . 17.34 -8.44 1.31
HC12 F7Z L . 20.94 -6.79 1.82
H13A F7Z L . 14.58 -7.99 3.30
H13B F7Z L . 13.85 -6.90 4.42
H14A F7Z L . 14.33 -8.42 6.28
H14B F7Z L . 13.61 -9.34 5.00
H14C F7Z L . 15.34 -9.41 5.26
HC16 F7Z L . 22.38 -4.34 2.21
HC20 F7Z L . 20.92 -5.33 -3.41
H22B F7Z L . 26.65 -5.26 -3.80
H22A F7Z L . 25.42 -5.00 -2.62
H23B F7Z L . 24.90 -6.27 -5.33
H23A F7Z L . 25.04 -7.12 -3.83
HC1 F7Z L . 16.61 -7.40 5.18
HC2 F7Z L . 16.30 -5.29 5.92
HC3B F7Z L . 17.58 -3.95 4.54
HC3A F7Z L . 16.44 -4.00 3.24
HC4 F7Z L . 18.49 -6.07 4.04
HC5 F7Z L . 15.98 -6.58 2.32
HC6 F7Z L . 17.82 -4.69 1.44
HC7 F7Z L . 18.40 -6.52 0.21
HC11 F7Z L . 20.09 -4.29 0.24
HC9 F7Z L . 17.34 -8.92 3.39
H25B F7Z L . 24.28 -3.74 -4.86
H25A F7Z L . 25.96 -3.45 -5.08
HC8 F7Z L . 19.35 -8.42 1.91
H10B F7Z L . 20.26 -4.95 3.24
H10A F7Z L . 19.59 -3.50 2.56
H15C F7Z L . 13.86 -5.20 5.48
H15A F7Z L . 14.17 -4.72 3.83
H15B F7Z L . 14.62 -3.66 5.12
H17B F7Z L . 20.74 -7.95 -0.45
H17A F7Z L . 22.13 -6.95 -0.18
HC21 F7Z L . 19.64 -5.72 -1.46
HN24 F7Z L . 22.75 -5.58 -4.70
HO26 F7Z L . 24.16 -3.73 2.04
HC28 F7Z L . 22.23 -3.95 -0.81
HN31 F7Z L . 27.25 -2.30 -2.77
HC32 F7Z L . 25.08 -1.60 -3.78
C FMT M . 5.74 12.24 -3.62
O1 FMT M . 6.58 11.66 -4.33
O2 FMT M . 4.60 11.81 -3.48
H FMT M . 6.06 13.14 -3.09
C FMT N . -0.77 -8.47 -11.43
O1 FMT N . -0.95 -7.27 -11.64
O2 FMT N . -0.04 -9.19 -12.13
H FMT N . -1.25 -8.94 -10.57
#